data_6C68
#
_entry.id   6C68
#
_cell.length_a   89.240
_cell.length_b   102.555
_cell.length_c   118.503
_cell.angle_alpha   90.00
_cell.angle_beta   90.00
_cell.angle_gamma   90.00
#
_symmetry.space_group_name_H-M   'P 21 21 21'
#
loop_
_entity.id
_entity.type
_entity.pdbx_description
1 polymer 'T-cell receptor alpha chain'
2 polymer 'T-cell receptor beta chain'
3 water water
#
loop_
_entity_poly.entity_id
_entity_poly.type
_entity_poly.pdbx_seq_one_letter_code
_entity_poly.pdbx_strand_id
1 'polypeptide(L)'
;MDSVTQTEGLVTVTEGLPVMLNCTYQTAYSDVAFFWYVQYLNEAPKLLLRSSTDNKRTEHQGFHATLHKSSSSFHLQKSS
VQLSDSALYYCALSPHNTGNYKYVFGAGTRLKVIAHIQNPDPAVYQLRDSKSSDKSVCLFTDFDSQTNVSQSKDSDVYIT
DKCVLDMRSMDFKSNSAVAWSNKSDFACANAFNNSIIPEDTFFPSP
;
A,C
2 'polypeptide(L)'
;MAVTQSPRSKVAVTGGKVTLSCHQTNNHDYMYWYRQDTGHGLRLIHYSYVADSTEKGDIPDGYKASRPSQENFSLILELA
SLSQTAVYFCASSQTNSDYTFGSGTRLLVIEDLRNVFPPEVAVFEPSEAEISHTQKATLVCLATGFYPDHVELSWWVNGK
EVHSGVCTDPQPLKEQPALNDSRYALSSRLRVSATFWQNPRNHFRCQVQFYGLSENDEWTQDRAKPVTQIVSAEAWGRAD
;
B,D
#
# COMPACT_ATOMS: atom_id res chain seq x y z
N ASP A 2 21.09 -47.90 -2.74
CA ASP A 2 19.83 -48.48 -2.27
C ASP A 2 19.29 -47.79 -0.99
N SER A 3 20.18 -47.43 -0.08
CA SER A 3 19.80 -46.84 1.21
C SER A 3 20.78 -45.75 1.60
N VAL A 4 20.28 -44.54 1.93
CA VAL A 4 21.10 -43.39 2.38
C VAL A 4 20.57 -42.89 3.71
N THR A 5 21.41 -42.91 4.77
CA THR A 5 21.04 -42.48 6.14
C THR A 5 21.84 -41.26 6.67
N GLN A 6 21.13 -40.14 6.86
CA GLN A 6 21.61 -38.85 7.38
C GLN A 6 21.25 -38.58 8.83
N THR A 7 21.99 -37.67 9.50
CA THR A 7 21.67 -37.27 10.87
C THR A 7 20.22 -36.74 11.03
N GLU A 8 19.56 -37.20 12.09
CA GLU A 8 18.15 -36.87 12.32
C GLU A 8 17.86 -35.59 13.06
N GLY A 9 17.00 -34.80 12.40
CA GLY A 9 16.46 -33.57 12.96
C GLY A 9 17.14 -32.29 12.55
N LEU A 10 17.51 -31.52 13.61
CA LEU A 10 18.06 -30.20 13.53
C LEU A 10 19.41 -30.11 14.21
N VAL A 11 20.37 -29.48 13.52
CA VAL A 11 21.71 -29.25 14.04
C VAL A 11 21.87 -27.74 14.25
N THR A 12 21.95 -27.33 15.52
CA THR A 12 22.14 -25.93 15.88
C THR A 12 23.59 -25.70 16.29
N VAL A 13 24.25 -24.79 15.56
CA VAL A 13 25.65 -24.43 15.79
C VAL A 13 25.79 -22.91 15.83
N THR A 14 26.70 -22.38 16.68
CA THR A 14 26.89 -20.93 16.67
C THR A 14 27.96 -20.53 15.65
N GLU A 15 27.80 -19.37 14.99
CA GLU A 15 28.73 -18.89 13.96
C GLU A 15 30.20 -18.91 14.42
N GLY A 16 31.07 -19.37 13.53
CA GLY A 16 32.50 -19.48 13.82
C GLY A 16 32.91 -20.87 14.25
N LEU A 17 31.96 -21.68 14.72
CA LEU A 17 32.25 -23.05 15.20
C LEU A 17 32.15 -24.10 14.10
N PRO A 18 32.79 -25.30 14.24
CA PRO A 18 32.61 -26.36 13.23
C PRO A 18 31.25 -27.07 13.28
N VAL A 19 30.99 -27.90 12.25
CA VAL A 19 29.80 -28.70 12.01
C VAL A 19 30.16 -30.05 11.36
N MET A 20 29.34 -31.10 11.61
CA MET A 20 29.44 -32.45 11.04
C MET A 20 28.07 -32.96 10.77
N LEU A 21 27.78 -33.22 9.49
CA LEU A 21 26.50 -33.75 9.05
C LEU A 21 26.79 -35.12 8.50
N ASN A 22 26.40 -36.14 9.24
CA ASN A 22 26.66 -37.53 8.88
C ASN A 22 25.80 -38.03 7.75
N CYS A 23 26.38 -38.90 6.93
CA CYS A 23 25.79 -39.59 5.81
C CYS A 23 26.50 -40.93 5.60
N THR A 24 25.72 -42.00 5.80
CA THR A 24 26.09 -43.40 5.62
C THR A 24 25.17 -43.99 4.58
N TYR A 25 25.64 -44.98 3.87
CA TYR A 25 24.81 -45.54 2.82
C TYR A 25 24.97 -47.03 2.78
N GLN A 26 24.24 -47.66 1.86
CA GLN A 26 24.23 -49.08 1.62
C GLN A 26 23.90 -49.20 0.15
N THR A 27 24.87 -49.66 -0.64
CA THR A 27 24.72 -49.86 -2.08
C THR A 27 25.32 -51.18 -2.54
N ALA A 28 24.64 -51.85 -3.49
CA ALA A 28 25.08 -53.11 -4.09
C ALA A 28 26.18 -52.84 -5.13
N TYR A 29 26.13 -51.67 -5.75
CA TYR A 29 27.00 -51.23 -6.83
C TYR A 29 28.41 -50.76 -6.45
N SER A 30 29.36 -50.83 -7.42
CA SER A 30 30.75 -50.46 -7.19
C SER A 30 31.12 -49.12 -7.80
N ASP A 31 30.67 -48.85 -9.03
CA ASP A 31 30.93 -47.55 -9.65
C ASP A 31 29.69 -46.73 -9.26
N VAL A 32 29.87 -45.84 -8.25
CA VAL A 32 28.83 -44.99 -7.65
C VAL A 32 29.30 -43.54 -7.44
N ALA A 33 28.42 -42.56 -7.73
CA ALA A 33 28.65 -41.13 -7.52
C ALA A 33 27.91 -40.67 -6.23
N PHE A 34 28.60 -39.86 -5.41
CA PHE A 34 28.08 -39.37 -4.13
C PHE A 34 27.95 -37.91 -4.17
N PHE A 35 26.88 -37.39 -3.56
CA PHE A 35 26.59 -35.96 -3.61
C PHE A 35 26.10 -35.36 -2.31
N TRP A 36 26.27 -34.02 -2.22
CA TRP A 36 25.67 -33.14 -1.23
C TRP A 36 25.01 -32.01 -2.01
N TYR A 37 23.72 -31.78 -1.73
CA TYR A 37 22.89 -30.73 -2.31
C TYR A 37 22.45 -29.89 -1.16
N VAL A 38 22.44 -28.60 -1.37
CA VAL A 38 21.98 -27.67 -0.36
C VAL A 38 20.70 -27.05 -0.85
N GLN A 39 19.75 -26.82 0.05
CA GLN A 39 18.50 -26.15 -0.28
C GLN A 39 18.29 -24.99 0.68
N TYR A 40 18.51 -23.78 0.20
CA TYR A 40 18.25 -22.54 0.92
C TYR A 40 16.73 -22.28 0.86
N LEU A 41 16.13 -21.75 1.96
CA LEU A 41 14.68 -21.50 2.07
C LEU A 41 14.02 -20.96 0.80
N ASN A 42 13.02 -21.73 0.28
CA ASN A 42 12.18 -21.47 -0.90
C ASN A 42 12.89 -21.58 -2.26
N GLU A 43 14.17 -21.95 -2.26
CA GLU A 43 14.95 -22.10 -3.49
C GLU A 43 15.12 -23.59 -3.87
N ALA A 44 15.51 -23.85 -5.11
CA ALA A 44 15.76 -25.19 -5.58
C ALA A 44 17.00 -25.80 -4.92
N PRO A 45 16.99 -27.15 -4.73
CA PRO A 45 18.22 -27.82 -4.22
C PRO A 45 19.33 -27.61 -5.27
N LYS A 46 20.50 -27.20 -4.81
CA LYS A 46 21.66 -26.90 -5.68
C LYS A 46 22.82 -27.77 -5.20
N LEU A 47 23.56 -28.37 -6.16
CA LEU A 47 24.78 -29.16 -5.89
C LEU A 47 25.77 -28.31 -5.08
N LEU A 48 26.48 -28.98 -4.15
CA LEU A 48 27.48 -28.37 -3.31
C LEU A 48 28.84 -29.09 -3.47
N LEU A 49 28.81 -30.43 -3.47
CA LEU A 49 29.97 -31.30 -3.59
C LEU A 49 29.54 -32.60 -4.25
N ARG A 50 30.46 -33.19 -5.05
CA ARG A 50 30.35 -34.54 -5.61
C ARG A 50 31.70 -35.21 -5.74
N SER A 51 31.76 -36.53 -5.56
CA SER A 51 32.98 -37.31 -5.77
C SER A 51 32.57 -38.69 -5.97
N SER A 52 33.37 -39.46 -6.75
CA SER A 52 33.16 -40.88 -7.04
C SER A 52 34.38 -41.71 -6.64
N THR A 53 35.43 -41.03 -6.16
CA THR A 53 36.70 -41.67 -5.79
C THR A 53 36.95 -41.74 -4.31
N ASP A 54 37.12 -42.99 -3.85
CA ASP A 54 37.39 -43.30 -2.47
C ASP A 54 38.57 -42.54 -1.95
N ASN A 55 38.45 -42.11 -0.70
CA ASN A 55 39.44 -41.41 0.10
C ASN A 55 39.85 -40.03 -0.32
N LYS A 56 39.37 -39.53 -1.47
CA LYS A 56 39.69 -38.19 -1.96
C LYS A 56 38.74 -37.18 -1.32
N ARG A 57 39.32 -36.07 -0.82
CA ARG A 57 38.64 -34.95 -0.15
C ARG A 57 38.21 -33.89 -1.17
N THR A 58 36.99 -33.34 -1.02
CA THR A 58 36.43 -32.32 -1.93
C THR A 58 36.07 -31.10 -1.11
N GLU A 59 36.42 -29.93 -1.58
CA GLU A 59 36.16 -28.69 -0.89
C GLU A 59 35.38 -27.76 -1.75
N HIS A 60 34.51 -26.95 -1.17
CA HIS A 60 33.80 -25.99 -2.00
C HIS A 60 33.63 -24.62 -1.42
N GLN A 61 32.82 -24.48 -0.40
CA GLN A 61 32.62 -23.16 0.14
C GLN A 61 32.98 -23.19 1.57
N GLY A 62 34.08 -23.86 1.82
CA GLY A 62 34.59 -24.12 3.17
C GLY A 62 33.98 -25.40 3.69
N PHE A 63 33.28 -26.12 2.82
CA PHE A 63 32.58 -27.37 3.09
C PHE A 63 33.38 -28.53 2.54
N HIS A 64 33.93 -29.37 3.39
CA HIS A 64 34.59 -30.55 2.83
C HIS A 64 33.82 -31.84 3.13
N ALA A 65 34.07 -32.85 2.32
CA ALA A 65 33.55 -34.19 2.40
C ALA A 65 34.60 -35.15 1.78
N THR A 66 34.89 -36.26 2.47
CA THR A 66 35.79 -37.30 1.97
C THR A 66 35.02 -38.62 1.91
N LEU A 67 35.02 -39.29 0.75
CA LEU A 67 34.40 -40.62 0.63
C LEU A 67 35.20 -41.67 1.44
N HIS A 68 34.53 -42.48 2.27
CA HIS A 68 35.14 -43.60 2.98
C HIS A 68 34.28 -44.82 2.60
N LYS A 69 34.61 -45.52 1.52
CA LYS A 69 33.83 -46.67 1.04
C LYS A 69 33.84 -47.85 2.00
N SER A 70 34.96 -47.97 2.72
CA SER A 70 35.22 -49.01 3.69
C SER A 70 34.19 -48.99 4.85
N SER A 71 33.73 -47.76 5.26
CA SER A 71 32.74 -47.58 6.32
C SER A 71 31.43 -46.97 5.80
N SER A 72 31.25 -46.96 4.48
CA SER A 72 30.11 -46.40 3.81
C SER A 72 29.79 -44.98 4.30
N SER A 73 30.82 -44.13 4.47
CA SER A 73 30.63 -42.77 4.94
C SER A 73 30.97 -41.65 3.96
N PHE A 74 30.14 -40.60 3.96
CA PHE A 74 30.26 -39.40 3.15
C PHE A 74 29.76 -38.19 3.95
N HIS A 75 30.39 -37.90 5.08
CA HIS A 75 29.95 -36.81 5.95
C HIS A 75 30.26 -35.45 5.40
N LEU A 76 29.41 -34.45 5.69
CA LEU A 76 29.64 -33.06 5.34
C LEU A 76 30.20 -32.31 6.54
N GLN A 77 31.30 -31.58 6.32
CA GLN A 77 31.97 -30.82 7.39
C GLN A 77 32.24 -29.41 6.99
N LYS A 78 32.53 -28.54 7.96
CA LYS A 78 32.92 -27.15 7.79
C LYS A 78 33.57 -26.73 9.11
N SER A 79 34.77 -26.10 9.04
CA SER A 79 35.54 -25.66 10.22
C SER A 79 34.99 -24.42 10.94
N SER A 80 34.37 -23.49 10.21
CA SER A 80 33.89 -22.24 10.76
C SER A 80 32.62 -21.79 10.02
N VAL A 81 31.47 -22.26 10.52
CA VAL A 81 30.15 -22.01 9.97
C VAL A 81 29.69 -20.54 10.07
N GLN A 82 28.89 -20.10 9.10
CA GLN A 82 28.30 -18.74 8.96
C GLN A 82 26.78 -18.77 8.88
N LEU A 83 26.14 -17.67 9.21
CA LEU A 83 24.68 -17.50 9.21
C LEU A 83 23.99 -17.83 7.89
N SER A 84 24.71 -17.67 6.77
CA SER A 84 24.21 -17.97 5.43
C SER A 84 24.23 -19.47 5.18
N ASP A 85 24.80 -20.23 6.13
CA ASP A 85 24.86 -21.69 5.99
C ASP A 85 23.60 -22.42 6.45
N SER A 86 22.62 -21.70 7.06
CA SER A 86 21.33 -22.21 7.51
C SER A 86 20.54 -22.69 6.31
N ALA A 87 20.43 -24.02 6.15
CA ALA A 87 19.75 -24.65 5.01
C ALA A 87 19.42 -26.09 5.32
N LEU A 88 18.80 -26.75 4.37
CA LEU A 88 18.49 -28.15 4.41
C LEU A 88 19.51 -28.80 3.49
N TYR A 89 20.22 -29.80 3.99
CA TYR A 89 21.29 -30.47 3.23
C TYR A 89 20.92 -31.91 2.91
N TYR A 90 20.92 -32.24 1.60
CA TYR A 90 20.59 -33.60 1.18
C TYR A 90 21.84 -34.33 0.77
N CYS A 91 21.97 -35.55 1.27
CA CYS A 91 23.04 -36.45 0.90
C CYS A 91 22.46 -37.42 -0.10
N ALA A 92 23.18 -37.62 -1.23
CA ALA A 92 22.70 -38.46 -2.33
C ALA A 92 23.76 -39.44 -2.92
N LEU A 93 23.26 -40.49 -3.56
CA LEU A 93 24.01 -41.63 -4.11
C LEU A 93 23.47 -41.96 -5.51
N SER A 94 24.38 -42.30 -6.45
CA SER A 94 23.96 -42.60 -7.81
C SER A 94 24.82 -43.65 -8.51
N PRO A 95 24.33 -44.90 -8.70
CA PRO A 95 25.15 -45.91 -9.36
C PRO A 95 25.31 -45.69 -10.87
N HIS A 96 26.56 -45.45 -11.29
CA HIS A 96 26.94 -45.24 -12.69
C HIS A 96 26.84 -46.58 -13.42
N ASN A 97 26.64 -46.52 -14.75
CA ASN A 97 26.64 -47.66 -15.67
C ASN A 97 25.71 -48.83 -15.28
N THR A 98 24.42 -48.52 -15.16
CA THR A 98 23.37 -49.48 -14.84
C THR A 98 22.13 -49.35 -15.70
N GLY A 99 22.20 -48.49 -16.69
CA GLY A 99 21.12 -48.14 -17.59
C GLY A 99 20.33 -46.94 -17.13
N ASN A 100 19.29 -47.18 -16.27
CA ASN A 100 18.45 -46.12 -15.72
C ASN A 100 19.03 -45.38 -14.51
N TYR A 101 19.56 -44.19 -14.79
CA TYR A 101 20.18 -43.27 -13.85
C TYR A 101 19.11 -42.61 -12.94
N LYS A 102 19.23 -42.79 -11.60
CA LYS A 102 18.36 -42.18 -10.57
C LYS A 102 19.06 -42.05 -9.21
N TYR A 103 18.81 -40.97 -8.49
CA TYR A 103 19.46 -40.78 -7.20
C TYR A 103 18.76 -41.55 -6.13
N VAL A 104 19.45 -41.69 -4.99
CA VAL A 104 18.97 -42.31 -3.77
C VAL A 104 19.31 -41.25 -2.73
N PHE A 105 18.29 -40.49 -2.26
CA PHE A 105 18.48 -39.44 -1.27
C PHE A 105 18.24 -39.92 0.16
N GLY A 106 18.90 -39.23 1.10
CA GLY A 106 18.69 -39.37 2.52
C GLY A 106 17.58 -38.38 2.83
N ALA A 107 16.97 -38.50 4.04
CA ALA A 107 15.87 -37.66 4.48
C ALA A 107 16.19 -36.18 4.57
N GLY A 108 17.47 -35.84 4.69
CA GLY A 108 17.92 -34.46 4.80
C GLY A 108 18.19 -34.06 6.23
N THR A 109 19.05 -33.07 6.40
CA THR A 109 19.41 -32.54 7.71
C THR A 109 19.32 -31.04 7.58
N ARG A 110 18.56 -30.43 8.48
CA ARG A 110 18.45 -28.99 8.54
C ARG A 110 19.51 -28.50 9.50
N LEU A 111 20.34 -27.56 9.03
CA LEU A 111 21.34 -26.88 9.85
C LEU A 111 20.81 -25.49 10.09
N LYS A 112 20.76 -25.10 11.35
CA LYS A 112 20.40 -23.77 11.78
C LYS A 112 21.66 -23.21 12.45
N VAL A 113 22.14 -22.04 11.97
CA VAL A 113 23.32 -21.35 12.47
C VAL A 113 22.87 -20.16 13.31
N ILE A 114 23.45 -20.00 14.51
CA ILE A 114 23.07 -18.91 15.43
C ILE A 114 24.17 -17.90 15.66
N ALA A 115 23.77 -16.64 15.78
CA ALA A 115 24.67 -15.50 15.96
C ALA A 115 25.45 -15.49 17.24
N HIS A 116 26.67 -14.96 17.17
CA HIS A 116 27.48 -14.76 18.35
C HIS A 116 27.26 -13.28 18.75
N ILE A 117 26.49 -13.04 19.81
CA ILE A 117 26.24 -11.66 20.24
C ILE A 117 27.27 -11.26 21.30
N GLN A 118 28.21 -10.41 20.87
CA GLN A 118 29.31 -9.91 21.70
C GLN A 118 28.81 -8.99 22.81
N ASN A 119 27.99 -7.97 22.45
CA ASN A 119 27.48 -6.97 23.39
C ASN A 119 25.94 -6.96 23.56
N PRO A 120 25.39 -7.95 24.32
CA PRO A 120 23.93 -7.95 24.54
C PRO A 120 23.46 -6.89 25.52
N ASP A 121 22.15 -6.63 25.50
CA ASP A 121 21.40 -5.71 26.37
C ASP A 121 19.90 -6.01 26.19
N PRO A 122 19.40 -7.12 26.82
CA PRO A 122 17.99 -7.51 26.65
C PRO A 122 16.99 -6.41 26.98
N ALA A 123 15.88 -6.33 26.22
CA ALA A 123 14.82 -5.32 26.41
C ALA A 123 13.48 -5.70 25.77
N VAL A 124 12.37 -5.25 26.37
CA VAL A 124 11.02 -5.49 25.83
C VAL A 124 10.36 -4.14 25.64
N TYR A 125 10.30 -3.68 24.37
CA TYR A 125 9.69 -2.39 24.07
C TYR A 125 8.30 -2.66 23.54
N GLN A 126 7.47 -1.62 23.46
CA GLN A 126 6.11 -1.69 22.91
C GLN A 126 6.11 -0.82 21.66
N LEU A 127 5.62 -1.38 20.55
CA LEU A 127 5.53 -0.71 19.25
C LEU A 127 4.06 -0.45 18.94
N ARG A 128 3.75 0.68 18.27
CA ARG A 128 2.37 1.04 17.96
C ARG A 128 2.15 1.14 16.48
N ASP A 129 0.95 0.84 16.03
CA ASP A 129 0.59 0.81 14.66
C ASP A 129 0.57 2.11 14.08
N SER A 130 1.04 2.21 12.86
CA SER A 130 1.06 3.41 12.07
C SER A 130 -0.25 3.95 11.61
N LYS A 131 -1.23 3.14 11.26
CA LYS A 131 -2.51 3.67 10.89
C LYS A 131 -3.50 3.45 11.99
N SER A 132 -4.09 4.40 12.61
CA SER A 132 -5.05 3.95 13.56
C SER A 132 -4.38 3.19 14.61
N SER A 133 -3.75 3.97 15.46
CA SER A 133 -2.89 3.55 16.49
C SER A 133 -3.48 3.05 17.81
N ASP A 134 -4.12 1.90 17.80
CA ASP A 134 -4.63 1.28 18.98
C ASP A 134 -4.06 -0.08 19.14
N LYS A 135 -3.66 -0.71 18.04
CA LYS A 135 -3.00 -2.01 18.05
C LYS A 135 -1.54 -1.91 18.53
N SER A 136 -1.06 -2.96 19.22
CA SER A 136 0.31 -3.00 19.72
C SER A 136 1.00 -4.38 19.65
N VAL A 137 2.34 -4.33 19.60
CA VAL A 137 3.25 -5.44 19.47
C VAL A 137 4.38 -5.19 20.46
N CYS A 138 4.84 -6.23 21.18
CA CYS A 138 5.96 -6.10 22.12
C CYS A 138 7.24 -6.64 21.47
N LEU A 139 8.27 -5.82 21.43
CA LEU A 139 9.51 -6.27 20.83
C LEU A 139 10.57 -6.71 21.85
N PHE A 140 10.84 -8.02 21.92
CA PHE A 140 11.92 -8.50 22.77
C PHE A 140 13.15 -8.60 21.88
N THR A 141 14.19 -7.83 22.20
CA THR A 141 15.39 -7.75 21.40
C THR A 141 16.70 -7.70 22.22
N ASP A 142 17.84 -7.70 21.52
CA ASP A 142 19.22 -7.58 22.00
C ASP A 142 19.75 -8.60 23.01
N PHE A 143 19.08 -9.75 23.10
CA PHE A 143 19.48 -10.85 23.95
C PHE A 143 20.52 -11.72 23.23
N ASP A 144 21.34 -12.47 24.01
CA ASP A 144 22.36 -13.41 23.53
C ASP A 144 21.67 -14.61 22.87
N SER A 145 22.40 -15.36 22.02
CA SER A 145 21.83 -16.51 21.34
C SER A 145 21.50 -17.66 22.27
N GLN A 146 22.11 -17.69 23.48
CA GLN A 146 21.82 -18.73 24.50
C GLN A 146 20.49 -18.50 25.25
N THR A 147 19.66 -17.56 24.76
CA THR A 147 18.33 -17.28 25.31
C THR A 147 17.32 -17.87 24.35
N ASN A 148 16.42 -18.68 24.88
CA ASN A 148 15.39 -19.35 24.11
C ASN A 148 14.00 -18.83 24.43
N VAL A 149 13.28 -18.38 23.38
CA VAL A 149 11.93 -17.86 23.46
C VAL A 149 10.96 -19.02 23.33
N SER A 150 9.89 -19.01 24.14
CA SER A 150 8.87 -20.04 24.11
C SER A 150 7.49 -19.43 23.94
N GLN A 151 6.58 -20.18 23.29
CA GLN A 151 5.21 -19.75 23.04
C GLN A 151 4.38 -19.63 24.32
N SER A 152 3.38 -18.74 24.31
CA SER A 152 2.52 -18.45 25.46
C SER A 152 1.60 -19.61 25.90
N LYS A 153 1.18 -19.56 27.17
CA LYS A 153 0.23 -20.50 27.77
C LYS A 153 -1.21 -20.00 27.50
N ASP A 154 -1.33 -18.80 26.86
CA ASP A 154 -2.58 -18.16 26.46
C ASP A 154 -2.82 -18.35 24.95
N SER A 155 -4.06 -18.73 24.57
CA SER A 155 -4.45 -18.98 23.16
C SER A 155 -4.81 -17.69 22.39
N ASP A 156 -4.84 -16.56 23.11
CA ASP A 156 -5.10 -15.22 22.57
C ASP A 156 -3.75 -14.49 22.33
N VAL A 157 -2.64 -15.10 22.78
CA VAL A 157 -1.31 -14.51 22.68
C VAL A 157 -0.45 -15.24 21.65
N TYR A 158 0.22 -14.47 20.77
CA TYR A 158 1.08 -15.01 19.75
C TYR A 158 2.49 -14.54 19.96
N ILE A 159 3.44 -15.51 20.01
CA ILE A 159 4.87 -15.26 20.20
C ILE A 159 5.67 -15.99 19.11
N THR A 160 6.47 -15.24 18.32
CA THR A 160 7.32 -15.77 17.24
C THR A 160 8.69 -16.14 17.77
N ASP A 161 9.40 -17.11 17.15
CA ASP A 161 10.73 -17.44 17.66
C ASP A 161 11.77 -16.38 17.29
N LYS A 162 12.90 -16.36 18.04
CA LYS A 162 14.04 -15.50 17.79
C LYS A 162 14.50 -15.58 16.33
N CYS A 163 15.12 -14.51 15.86
CA CYS A 163 15.54 -14.33 14.48
C CYS A 163 16.59 -13.22 14.48
N VAL A 164 17.76 -13.49 13.93
CA VAL A 164 18.85 -12.53 13.89
C VAL A 164 18.73 -11.65 12.65
N LEU A 165 19.14 -10.40 12.77
CA LEU A 165 19.15 -9.47 11.64
C LEU A 165 20.52 -8.81 11.59
N ASP A 166 21.01 -8.49 10.41
CA ASP A 166 22.35 -7.93 10.29
C ASP A 166 22.42 -6.55 9.64
N MET A 167 22.99 -5.57 10.34
CA MET A 167 23.13 -4.24 9.76
C MET A 167 24.54 -4.17 9.24
N ARG A 168 24.68 -4.41 7.96
CA ARG A 168 26.01 -4.48 7.32
C ARG A 168 26.90 -3.23 7.57
N SER A 169 26.29 -2.02 7.53
CA SER A 169 26.92 -0.73 7.76
C SER A 169 27.57 -0.60 9.14
N MET A 170 26.94 -1.18 10.16
CA MET A 170 27.37 -1.11 11.56
C MET A 170 28.08 -2.37 12.03
N ASP A 171 28.22 -3.39 11.14
CA ASP A 171 28.80 -4.72 11.39
C ASP A 171 28.12 -5.45 12.58
N PHE A 172 26.97 -4.86 13.01
CA PHE A 172 26.09 -5.17 14.13
C PHE A 172 24.97 -6.15 13.76
N LYS A 173 24.77 -7.18 14.63
CA LYS A 173 23.75 -8.23 14.51
C LYS A 173 22.92 -8.28 15.78
N SER A 174 21.61 -8.61 15.66
CA SER A 174 20.71 -8.67 16.82
C SER A 174 19.55 -9.67 16.73
N ASN A 175 19.29 -10.35 17.84
CA ASN A 175 18.19 -11.31 17.97
C ASN A 175 16.92 -10.59 18.35
N SER A 176 15.83 -10.92 17.69
CA SER A 176 14.54 -10.33 17.98
C SER A 176 13.48 -11.39 18.00
N ALA A 177 12.44 -11.17 18.81
CA ALA A 177 11.23 -12.00 18.94
C ALA A 177 10.05 -11.06 19.19
N VAL A 178 8.92 -11.37 18.56
CA VAL A 178 7.72 -10.53 18.59
C VAL A 178 6.55 -11.16 19.29
N ALA A 179 5.80 -10.35 20.04
CA ALA A 179 4.62 -10.79 20.73
C ALA A 179 3.45 -9.83 20.52
N TRP A 180 2.28 -10.38 20.17
CA TRP A 180 1.08 -9.59 20.02
C TRP A 180 -0.16 -10.33 20.51
N SER A 181 -1.17 -9.55 20.96
CA SER A 181 -2.49 -10.00 21.42
C SER A 181 -3.49 -8.85 21.34
N ASN A 182 -4.77 -9.21 21.18
CA ASN A 182 -5.88 -8.26 21.10
C ASN A 182 -6.44 -7.95 22.52
N LYS A 183 -6.62 -9.00 23.36
CA LYS A 183 -7.18 -8.90 24.72
C LYS A 183 -6.58 -7.82 25.61
N SER A 184 -7.46 -7.18 26.42
CA SER A 184 -7.14 -6.10 27.36
C SER A 184 -6.18 -6.54 28.48
N ASP A 185 -6.12 -7.86 28.74
CA ASP A 185 -5.27 -8.50 29.74
C ASP A 185 -3.80 -8.68 29.26
N PHE A 186 -3.41 -8.04 28.11
CA PHE A 186 -2.06 -8.15 27.54
C PHE A 186 -1.11 -6.95 27.78
N ALA A 187 -0.09 -7.20 28.64
CA ALA A 187 0.97 -6.27 29.04
C ALA A 187 2.29 -6.72 28.42
N CYS A 188 3.23 -5.78 28.23
CA CYS A 188 4.54 -6.14 27.67
C CYS A 188 5.43 -6.82 28.70
N ALA A 189 5.28 -6.42 29.98
CA ALA A 189 5.97 -6.98 31.13
C ALA A 189 5.54 -8.43 31.39
N ASN A 190 4.28 -8.77 30.99
CA ASN A 190 3.62 -10.07 31.12
C ASN A 190 3.77 -10.99 29.86
N ALA A 191 4.30 -10.43 28.75
CA ALA A 191 4.45 -11.10 27.45
C ALA A 191 5.49 -12.24 27.35
N PHE A 192 6.61 -12.15 28.05
CA PHE A 192 7.62 -13.19 27.90
C PHE A 192 7.97 -13.94 29.19
N ASN A 193 6.98 -14.06 30.10
CA ASN A 193 7.11 -14.76 31.40
C ASN A 193 7.36 -16.27 31.20
N ASN A 194 6.68 -16.86 30.18
CA ASN A 194 6.72 -18.26 29.77
C ASN A 194 8.12 -18.70 29.29
N SER A 195 8.96 -17.72 28.92
CA SER A 195 10.33 -17.91 28.41
C SER A 195 11.37 -17.55 29.47
N ILE A 196 12.54 -18.23 29.41
CA ILE A 196 13.67 -17.96 30.32
C ILE A 196 14.40 -16.67 29.89
N ILE A 197 13.83 -15.52 30.29
CA ILE A 197 14.38 -14.20 29.95
C ILE A 197 15.42 -13.74 31.00
N PRO A 198 16.51 -13.05 30.59
CA PRO A 198 17.54 -12.65 31.57
C PRO A 198 17.05 -11.72 32.68
N GLU A 199 17.75 -11.75 33.83
CA GLU A 199 17.48 -10.92 35.01
C GLU A 199 17.60 -9.42 34.66
N ASP A 200 18.56 -9.06 33.80
CA ASP A 200 18.79 -7.68 33.39
C ASP A 200 17.98 -7.19 32.16
N THR A 201 16.75 -7.74 31.97
CA THR A 201 15.86 -7.35 30.86
C THR A 201 15.23 -5.98 31.15
N PHE A 202 15.57 -5.00 30.31
CA PHE A 202 15.10 -3.61 30.40
C PHE A 202 13.62 -3.52 30.01
N PHE A 203 12.81 -2.96 30.92
CA PHE A 203 11.39 -2.72 30.72
C PHE A 203 11.11 -1.22 30.90
N PRO A 204 10.84 -0.46 29.81
CA PRO A 204 10.60 0.98 29.97
C PRO A 204 9.23 1.29 30.59
N SER A 205 9.18 2.31 31.48
CA SER A 205 7.97 2.71 32.20
C SER A 205 6.77 3.20 31.32
N PRO A 206 6.83 4.32 30.53
CA PRO A 206 7.93 5.29 30.29
C PRO A 206 7.84 6.57 31.15
N ALA B 2 17.32 -22.80 -16.95
CA ALA B 2 17.48 -24.05 -17.68
C ALA B 2 16.31 -25.01 -17.41
N VAL B 3 15.68 -24.89 -16.23
CA VAL B 3 14.53 -25.71 -15.83
C VAL B 3 13.47 -24.86 -15.13
N THR B 4 12.26 -24.82 -15.71
CA THR B 4 11.13 -24.01 -15.22
C THR B 4 9.89 -24.82 -14.86
N GLN B 5 9.32 -24.51 -13.69
CA GLN B 5 8.11 -25.15 -13.15
C GLN B 5 6.92 -24.23 -13.20
N SER B 6 5.75 -24.81 -13.46
CA SER B 6 4.49 -24.08 -13.62
C SER B 6 3.27 -24.95 -13.22
N PRO B 7 2.34 -24.43 -12.37
CA PRO B 7 2.36 -23.11 -11.70
C PRO B 7 3.36 -23.08 -10.56
N ARG B 8 3.73 -21.89 -10.08
CA ARG B 8 4.65 -21.70 -8.95
C ARG B 8 3.91 -22.07 -7.63
N SER B 9 2.56 -22.04 -7.66
CA SER B 9 1.66 -22.30 -6.53
C SER B 9 0.28 -22.65 -7.06
N LYS B 10 -0.43 -23.55 -6.32
CA LYS B 10 -1.78 -23.99 -6.61
C LYS B 10 -2.52 -24.38 -5.37
N VAL B 11 -3.75 -23.92 -5.30
CA VAL B 11 -4.72 -24.27 -4.28
C VAL B 11 -5.75 -25.04 -5.09
N ALA B 12 -5.87 -26.33 -4.79
CA ALA B 12 -6.80 -27.22 -5.47
C ALA B 12 -7.83 -27.72 -4.48
N VAL B 13 -8.84 -28.43 -4.96
CA VAL B 13 -9.90 -28.97 -4.13
C VAL B 13 -9.91 -30.47 -4.14
N THR B 14 -10.36 -31.04 -3.01
CA THR B 14 -10.52 -32.48 -2.85
C THR B 14 -11.42 -32.98 -3.96
N GLY B 15 -10.83 -33.75 -4.85
CA GLY B 15 -11.49 -34.30 -6.02
C GLY B 15 -11.11 -33.72 -7.36
N GLY B 16 -10.67 -32.45 -7.37
CA GLY B 16 -10.32 -31.71 -8.59
C GLY B 16 -9.18 -32.25 -9.45
N LYS B 17 -9.17 -31.87 -10.75
CA LYS B 17 -8.10 -32.27 -11.67
C LYS B 17 -6.94 -31.28 -11.52
N VAL B 18 -5.68 -31.76 -11.44
CA VAL B 18 -4.49 -30.88 -11.31
C VAL B 18 -3.42 -31.26 -12.32
N THR B 19 -2.74 -30.21 -12.88
CA THR B 19 -1.64 -30.40 -13.82
C THR B 19 -0.45 -29.46 -13.61
N LEU B 20 0.68 -30.06 -13.23
CA LEU B 20 1.97 -29.38 -13.00
C LEU B 20 2.86 -29.65 -14.20
N SER B 21 3.40 -28.57 -14.77
CA SER B 21 4.22 -28.65 -15.96
C SER B 21 5.69 -28.29 -15.75
N CYS B 22 6.56 -28.98 -16.47
CA CYS B 22 7.99 -28.72 -16.39
C CYS B 22 8.52 -28.53 -17.79
N HIS B 23 9.31 -27.48 -17.98
CA HIS B 23 9.87 -27.16 -19.27
C HIS B 23 11.37 -26.95 -19.18
N GLN B 24 12.14 -27.90 -19.74
CA GLN B 24 13.60 -27.81 -19.74
C GLN B 24 14.13 -27.06 -20.97
N THR B 25 14.88 -25.97 -20.74
CA THR B 25 15.50 -25.14 -21.79
C THR B 25 16.87 -25.74 -22.19
N ASN B 26 17.38 -26.66 -21.36
CA ASN B 26 18.61 -27.42 -21.55
C ASN B 26 18.21 -28.84 -21.95
N ASN B 27 18.80 -29.37 -23.05
CA ASN B 27 18.43 -30.70 -23.54
C ASN B 27 19.02 -31.81 -22.68
N HIS B 28 18.13 -32.70 -22.17
CA HIS B 28 18.45 -33.83 -21.29
C HIS B 28 17.48 -34.97 -21.60
N ASP B 29 17.95 -36.21 -21.47
CA ASP B 29 17.15 -37.39 -21.73
C ASP B 29 16.24 -37.69 -20.56
N TYR B 30 16.75 -37.51 -19.33
CA TYR B 30 16.00 -37.79 -18.12
C TYR B 30 15.29 -36.59 -17.54
N MET B 31 14.09 -36.83 -17.01
CA MET B 31 13.24 -35.86 -16.33
C MET B 31 12.46 -36.59 -15.25
N TYR B 32 12.40 -36.00 -14.04
CA TYR B 32 11.78 -36.59 -12.86
C TYR B 32 10.87 -35.61 -12.13
N TRP B 33 9.99 -36.16 -11.31
CA TRP B 33 9.05 -35.41 -10.51
C TRP B 33 9.11 -36.00 -9.15
N TYR B 34 9.57 -35.18 -8.19
CA TYR B 34 9.70 -35.58 -6.81
C TYR B 34 8.75 -34.73 -5.98
N ARG B 35 8.36 -35.24 -4.82
CA ARG B 35 7.63 -34.48 -3.86
C ARG B 35 8.51 -34.41 -2.60
N GLN B 36 8.53 -33.24 -1.99
CA GLN B 36 9.34 -33.01 -0.81
C GLN B 36 8.41 -33.04 0.41
N ASP B 37 8.76 -33.84 1.44
CA ASP B 37 7.97 -33.95 2.68
C ASP B 37 8.87 -33.96 3.89
N THR B 38 8.52 -33.19 4.93
CA THR B 38 9.31 -33.13 6.18
C THR B 38 9.33 -34.54 6.80
N GLY B 39 10.53 -35.08 6.99
CA GLY B 39 10.74 -36.44 7.50
C GLY B 39 11.03 -37.46 6.39
N HIS B 40 10.24 -37.42 5.31
CA HIS B 40 10.42 -38.30 4.14
C HIS B 40 11.52 -37.79 3.18
N GLY B 41 11.72 -36.48 3.14
CA GLY B 41 12.67 -35.83 2.24
C GLY B 41 12.12 -35.83 0.82
N LEU B 42 12.99 -35.98 -0.17
CA LEU B 42 12.65 -36.06 -1.59
C LEU B 42 12.37 -37.52 -2.02
N ARG B 43 11.16 -37.80 -2.53
CA ARG B 43 10.75 -39.12 -2.99
C ARG B 43 10.27 -39.05 -4.43
N LEU B 44 10.67 -40.02 -5.27
CA LEU B 44 10.25 -40.05 -6.66
C LEU B 44 8.84 -40.64 -6.90
N ILE B 45 8.05 -39.91 -7.71
CA ILE B 45 6.68 -40.24 -8.10
C ILE B 45 6.69 -40.94 -9.47
N HIS B 46 7.27 -40.27 -10.51
CA HIS B 46 7.40 -40.78 -11.89
C HIS B 46 8.60 -40.17 -12.59
N TYR B 47 9.19 -40.93 -13.51
CA TYR B 47 10.33 -40.48 -14.32
C TYR B 47 10.15 -40.90 -15.77
N SER B 48 11.03 -40.36 -16.64
CA SER B 48 11.04 -40.67 -18.06
C SER B 48 12.46 -40.79 -18.57
N TYR B 49 12.80 -41.95 -19.15
CA TYR B 49 14.09 -42.16 -19.80
C TYR B 49 13.89 -41.75 -21.26
N VAL B 50 12.69 -42.09 -21.79
CA VAL B 50 12.19 -41.92 -23.16
C VAL B 50 11.35 -40.63 -23.38
N ALA B 51 11.79 -39.81 -24.37
CA ALA B 51 11.23 -38.53 -24.80
C ALA B 51 9.69 -38.49 -24.96
N ASP B 52 9.02 -39.67 -25.09
CA ASP B 52 7.57 -39.78 -25.37
C ASP B 52 6.78 -40.85 -24.54
N SER B 53 7.38 -41.29 -23.40
CA SER B 53 6.79 -42.23 -22.44
C SER B 53 7.34 -42.09 -21.02
N THR B 54 6.68 -42.77 -20.05
CA THR B 54 7.02 -42.66 -18.62
C THR B 54 7.24 -43.99 -17.90
N GLU B 55 7.85 -43.91 -16.69
CA GLU B 55 8.18 -45.01 -15.78
C GLU B 55 7.82 -44.61 -14.34
N LYS B 56 7.28 -45.55 -13.55
CA LYS B 56 6.85 -45.34 -12.16
C LYS B 56 8.01 -45.32 -11.15
N GLY B 57 7.97 -44.34 -10.25
CA GLY B 57 8.94 -44.17 -9.17
C GLY B 57 8.57 -44.94 -7.93
N ASP B 58 9.02 -44.48 -6.77
CA ASP B 58 8.74 -45.18 -5.50
C ASP B 58 7.30 -45.03 -4.98
N ILE B 59 6.60 -43.95 -5.37
CA ILE B 59 5.19 -43.71 -5.00
C ILE B 59 4.38 -43.19 -6.21
N PRO B 60 3.99 -44.06 -7.16
CA PRO B 60 3.17 -43.57 -8.29
C PRO B 60 1.67 -43.48 -7.95
N ASP B 61 1.25 -44.08 -6.82
CA ASP B 61 -0.14 -44.13 -6.34
C ASP B 61 -0.77 -42.75 -6.09
N GLY B 62 -1.85 -42.50 -6.83
CA GLY B 62 -2.58 -41.24 -6.84
C GLY B 62 -2.08 -40.28 -7.91
N TYR B 63 -1.09 -40.72 -8.73
CA TYR B 63 -0.47 -39.87 -9.77
C TYR B 63 -0.45 -40.54 -11.13
N LYS B 64 -0.34 -39.69 -12.17
CA LYS B 64 -0.21 -40.02 -13.58
C LYS B 64 0.75 -38.97 -14.11
N ALA B 65 1.63 -39.34 -15.04
CA ALA B 65 2.61 -38.41 -15.60
C ALA B 65 2.72 -38.60 -17.10
N SER B 66 2.89 -37.50 -17.82
CA SER B 66 3.01 -37.59 -19.27
C SER B 66 4.16 -36.77 -19.81
N ARG B 67 5.01 -37.42 -20.61
CA ARG B 67 6.13 -36.77 -21.27
C ARG B 67 5.82 -36.75 -22.78
N PRO B 68 5.05 -35.78 -23.29
CA PRO B 68 4.76 -35.76 -24.74
C PRO B 68 5.88 -35.16 -25.61
N SER B 69 6.93 -34.60 -24.98
CA SER B 69 8.07 -33.97 -25.66
C SER B 69 9.40 -34.32 -24.96
N GLN B 70 10.50 -33.98 -25.59
CA GLN B 70 11.69 -34.19 -24.83
C GLN B 70 11.84 -33.15 -23.76
N GLU B 71 11.46 -31.92 -24.12
CA GLU B 71 11.52 -30.77 -23.21
C GLU B 71 10.38 -30.59 -22.18
N ASN B 72 9.25 -31.34 -22.33
CA ASN B 72 8.10 -31.19 -21.42
C ASN B 72 7.66 -32.45 -20.70
N PHE B 73 7.82 -32.45 -19.35
CA PHE B 73 7.38 -33.54 -18.46
C PHE B 73 6.30 -32.94 -17.60
N SER B 74 5.17 -33.61 -17.50
CA SER B 74 4.03 -33.09 -16.76
C SER B 74 3.45 -34.06 -15.77
N LEU B 75 2.96 -33.54 -14.64
CA LEU B 75 2.38 -34.34 -13.55
C LEU B 75 0.88 -34.12 -13.53
N ILE B 76 0.10 -35.22 -13.46
CA ILE B 76 -1.37 -35.13 -13.49
C ILE B 76 -2.07 -35.90 -12.36
N LEU B 77 -3.00 -35.22 -11.67
CA LEU B 77 -3.80 -35.81 -10.61
C LEU B 77 -5.29 -35.66 -10.99
N GLU B 78 -5.97 -36.79 -11.18
CA GLU B 78 -7.38 -36.84 -11.57
C GLU B 78 -8.27 -36.48 -10.37
N LEU B 79 -8.04 -37.15 -9.22
CA LEU B 79 -8.78 -36.95 -7.97
C LEU B 79 -7.83 -36.39 -6.92
N ALA B 80 -7.63 -35.05 -6.90
CA ALA B 80 -6.73 -34.44 -5.93
C ALA B 80 -7.13 -34.82 -4.51
N SER B 81 -6.25 -35.55 -3.84
CA SER B 81 -6.50 -36.01 -2.47
C SER B 81 -5.88 -35.02 -1.53
N LEU B 82 -6.32 -35.02 -0.27
CA LEU B 82 -5.77 -34.16 0.76
C LEU B 82 -4.29 -34.53 1.00
N SER B 83 -3.90 -35.81 0.73
CA SER B 83 -2.56 -36.41 0.90
C SER B 83 -1.58 -35.74 -0.05
N GLN B 84 -2.06 -35.39 -1.25
CA GLN B 84 -1.26 -34.77 -2.30
C GLN B 84 -0.71 -33.36 -2.05
N THR B 85 -1.00 -32.76 -0.90
CA THR B 85 -0.43 -31.45 -0.60
C THR B 85 1.04 -31.58 -0.13
N ALA B 86 1.96 -31.02 -0.91
CA ALA B 86 3.40 -31.06 -0.67
C ALA B 86 4.05 -30.10 -1.64
N VAL B 87 5.38 -29.92 -1.56
CA VAL B 87 6.09 -29.12 -2.56
C VAL B 87 6.57 -30.11 -3.57
N TYR B 88 6.36 -29.81 -4.84
CA TYR B 88 6.75 -30.67 -5.94
C TYR B 88 7.98 -30.11 -6.62
N PHE B 89 8.93 -30.96 -6.90
CA PHE B 89 10.17 -30.58 -7.56
C PHE B 89 10.37 -31.33 -8.82
N CYS B 90 10.75 -30.61 -9.84
CA CYS B 90 11.08 -31.15 -11.13
C CYS B 90 12.60 -31.07 -11.31
N ALA B 91 13.15 -32.13 -11.89
CA ALA B 91 14.58 -32.21 -12.18
C ALA B 91 14.82 -32.95 -13.47
N SER B 92 15.78 -32.49 -14.20
CA SER B 92 16.13 -33.04 -15.42
C SER B 92 17.56 -33.41 -15.30
N SER B 93 17.98 -34.49 -15.92
CA SER B 93 19.40 -34.84 -15.93
C SER B 93 19.84 -35.55 -17.16
N GLN B 94 21.10 -35.32 -17.51
CA GLN B 94 21.75 -36.09 -18.54
C GLN B 94 22.22 -37.32 -17.75
N THR B 95 22.21 -38.50 -18.36
CA THR B 95 22.47 -39.74 -17.61
C THR B 95 23.77 -39.77 -16.87
N ASN B 96 24.80 -39.30 -17.53
CA ASN B 96 26.09 -39.16 -16.90
C ASN B 96 26.01 -38.05 -15.87
N SER B 97 25.28 -37.01 -16.26
CA SER B 97 25.13 -35.74 -15.57
C SER B 97 24.37 -35.62 -14.25
N ASP B 98 24.72 -34.60 -13.48
CA ASP B 98 24.04 -34.29 -12.26
C ASP B 98 22.83 -33.46 -12.55
N TYR B 99 21.84 -33.61 -11.71
CA TYR B 99 20.59 -32.99 -11.83
C TYR B 99 20.66 -31.53 -11.76
N THR B 100 19.70 -30.94 -12.42
CA THR B 100 19.41 -29.51 -12.44
C THR B 100 17.97 -29.48 -11.97
N PHE B 101 17.66 -28.60 -11.02
CA PHE B 101 16.35 -28.56 -10.41
C PHE B 101 15.58 -27.30 -10.74
N GLY B 102 14.26 -27.43 -10.75
CA GLY B 102 13.32 -26.31 -10.83
C GLY B 102 13.12 -25.73 -9.45
N SER B 103 12.54 -24.51 -9.36
CA SER B 103 12.32 -23.82 -8.05
C SER B 103 11.23 -24.44 -7.16
N GLY B 104 10.37 -25.26 -7.80
CA GLY B 104 9.28 -25.99 -7.15
C GLY B 104 7.90 -25.36 -7.14
N THR B 105 6.88 -26.18 -6.97
CA THR B 105 5.52 -25.69 -6.85
C THR B 105 4.92 -26.18 -5.57
N ARG B 106 4.36 -25.25 -4.79
CA ARG B 106 3.66 -25.55 -3.54
C ARG B 106 2.24 -25.88 -3.96
N LEU B 107 1.83 -27.11 -3.77
CA LEU B 107 0.47 -27.48 -4.13
C LEU B 107 -0.31 -27.73 -2.84
N LEU B 108 -1.52 -27.12 -2.72
CA LEU B 108 -2.39 -27.29 -1.56
C LEU B 108 -3.75 -27.76 -1.93
N VAL B 109 -4.07 -28.99 -1.51
CA VAL B 109 -5.39 -29.60 -1.73
C VAL B 109 -6.16 -29.44 -0.46
N ILE B 110 -7.29 -28.74 -0.53
CA ILE B 110 -8.16 -28.49 0.61
C ILE B 110 -9.59 -28.92 0.34
N GLU B 111 -10.42 -28.90 1.39
CA GLU B 111 -11.84 -29.29 1.36
C GLU B 111 -12.69 -28.16 0.78
N ASP B 112 -12.58 -26.96 1.39
CA ASP B 112 -13.32 -25.74 1.05
C ASP B 112 -12.41 -24.60 0.68
N LEU B 113 -12.54 -24.07 -0.58
CA LEU B 113 -11.81 -22.86 -1.04
C LEU B 113 -12.29 -21.68 -0.22
N ARG B 114 -13.36 -21.90 0.57
CA ARG B 114 -14.01 -20.95 1.48
C ARG B 114 -13.05 -20.60 2.61
N ASN B 115 -12.06 -21.50 2.91
CA ASN B 115 -11.04 -21.27 3.93
C ASN B 115 -9.98 -20.26 3.47
N VAL B 116 -9.88 -20.03 2.14
CA VAL B 116 -8.90 -19.11 1.53
C VAL B 116 -9.14 -17.64 1.83
N PHE B 117 -8.10 -16.98 2.32
CA PHE B 117 -8.10 -15.59 2.69
C PHE B 117 -6.77 -14.95 2.42
N PRO B 118 -6.75 -13.73 1.83
CA PRO B 118 -5.48 -13.00 1.68
C PRO B 118 -5.04 -12.41 3.04
N PRO B 119 -3.79 -11.95 3.23
CA PRO B 119 -3.43 -11.37 4.53
C PRO B 119 -3.87 -9.93 4.76
N GLU B 120 -3.77 -9.52 6.04
CA GLU B 120 -3.97 -8.18 6.51
C GLU B 120 -2.57 -7.77 6.94
N VAL B 121 -2.01 -6.74 6.31
CA VAL B 121 -0.66 -6.29 6.65
C VAL B 121 -0.74 -4.99 7.48
N ALA B 122 0.17 -4.83 8.45
CA ALA B 122 0.24 -3.66 9.31
C ALA B 122 1.68 -3.37 9.72
N VAL B 123 2.07 -2.09 9.66
CA VAL B 123 3.42 -1.65 10.06
C VAL B 123 3.32 -0.98 11.44
N PHE B 124 4.19 -1.41 12.38
CA PHE B 124 4.25 -0.88 13.73
C PHE B 124 5.49 -0.02 13.88
N GLU B 125 5.30 1.26 14.25
CA GLU B 125 6.38 2.23 14.40
C GLU B 125 7.34 1.92 15.55
N PRO B 126 8.65 2.18 15.36
CA PRO B 126 9.63 1.90 16.42
C PRO B 126 9.42 2.71 17.68
N SER B 127 9.74 2.10 18.83
CA SER B 127 9.59 2.69 20.16
C SER B 127 10.69 3.69 20.52
N GLU B 128 10.26 4.89 20.99
CA GLU B 128 11.08 6.01 21.50
C GLU B 128 12.10 5.55 22.57
N ALA B 129 11.73 4.49 23.33
CA ALA B 129 12.53 3.84 24.36
C ALA B 129 13.77 3.18 23.74
N GLU B 130 13.59 2.50 22.58
CA GLU B 130 14.67 1.86 21.85
C GLU B 130 15.46 2.96 21.17
N ILE B 131 14.75 4.01 20.70
CA ILE B 131 15.33 5.17 20.04
C ILE B 131 16.32 5.91 20.97
N SER B 132 15.99 6.02 22.26
CA SER B 132 16.89 6.65 23.22
C SER B 132 18.02 5.68 23.63
N HIS B 133 17.64 4.53 24.22
CA HIS B 133 18.49 3.47 24.77
C HIS B 133 19.59 2.94 23.86
N THR B 134 19.28 2.68 22.57
CA THR B 134 20.26 2.06 21.65
C THR B 134 20.52 2.84 20.36
N GLN B 135 19.87 4.02 20.20
CA GLN B 135 19.97 4.88 18.99
C GLN B 135 19.58 4.15 17.68
N LYS B 136 18.77 3.06 17.79
CA LYS B 136 18.31 2.23 16.68
C LYS B 136 16.78 2.15 16.70
N ALA B 137 16.18 1.91 15.53
CA ALA B 137 14.73 1.87 15.39
C ALA B 137 14.22 0.61 14.64
N THR B 138 13.47 -0.28 15.35
CA THR B 138 12.92 -1.46 14.69
C THR B 138 11.47 -1.33 14.28
N LEU B 139 11.20 -1.50 12.98
CA LEU B 139 9.85 -1.50 12.43
C LEU B 139 9.37 -2.95 12.37
N VAL B 140 8.14 -3.21 12.76
CA VAL B 140 7.58 -4.55 12.68
C VAL B 140 6.49 -4.55 11.66
N CYS B 141 6.45 -5.58 10.87
CA CYS B 141 5.42 -5.86 9.91
C CYS B 141 4.73 -7.13 10.39
N LEU B 142 3.41 -7.17 10.27
CA LEU B 142 2.56 -8.26 10.68
C LEU B 142 1.56 -8.56 9.57
N ALA B 143 1.60 -9.79 9.05
CA ALA B 143 0.64 -10.24 8.03
C ALA B 143 -0.20 -11.32 8.75
N THR B 144 -1.49 -11.06 8.95
CA THR B 144 -2.38 -11.89 9.72
C THR B 144 -3.59 -12.40 8.92
N GLY B 145 -4.23 -13.46 9.40
CA GLY B 145 -5.44 -14.02 8.83
C GLY B 145 -5.39 -14.57 7.44
N PHE B 146 -4.24 -15.12 7.03
CA PHE B 146 -4.15 -15.70 5.69
C PHE B 146 -4.14 -17.21 5.71
N TYR B 147 -4.72 -17.79 4.66
CA TYR B 147 -4.80 -19.22 4.42
C TYR B 147 -4.72 -19.40 2.92
N PRO B 148 -3.79 -20.21 2.39
CA PRO B 148 -2.76 -21.00 3.08
C PRO B 148 -1.55 -20.15 3.44
N ASP B 149 -0.51 -20.75 4.06
CA ASP B 149 0.74 -20.03 4.45
C ASP B 149 1.68 -19.73 3.25
N HIS B 150 1.12 -19.62 2.03
CA HIS B 150 1.82 -19.32 0.78
C HIS B 150 2.07 -17.79 0.68
N VAL B 151 3.02 -17.23 1.46
CA VAL B 151 3.36 -15.80 1.38
C VAL B 151 4.85 -15.53 1.23
N GLU B 152 5.22 -14.42 0.56
CA GLU B 152 6.57 -13.89 0.40
C GLU B 152 6.51 -12.45 0.92
N LEU B 153 7.30 -12.14 1.94
CA LEU B 153 7.36 -10.81 2.54
C LEU B 153 8.69 -10.11 2.18
N SER B 154 8.60 -8.80 1.83
CA SER B 154 9.72 -7.91 1.48
C SER B 154 9.55 -6.48 2.03
N TRP B 155 10.68 -5.81 2.31
CA TRP B 155 10.74 -4.44 2.78
C TRP B 155 11.27 -3.54 1.66
N TRP B 156 10.66 -2.37 1.52
CA TRP B 156 11.01 -1.38 0.51
C TRP B 156 11.31 -0.01 1.13
N VAL B 157 12.59 0.35 1.24
CA VAL B 157 12.87 1.71 1.72
C VAL B 157 13.10 2.66 0.56
N ASN B 158 12.37 3.78 0.60
CA ASN B 158 12.34 4.84 -0.41
C ASN B 158 12.29 4.33 -1.87
N GLY B 159 11.47 3.28 -2.10
CA GLY B 159 11.23 2.67 -3.41
C GLY B 159 12.17 1.56 -3.83
N LYS B 160 13.20 1.30 -3.03
CA LYS B 160 14.15 0.24 -3.33
C LYS B 160 14.08 -0.88 -2.27
N GLU B 161 14.22 -2.16 -2.73
CA GLU B 161 14.17 -3.30 -1.84
C GLU B 161 15.41 -3.39 -1.01
N VAL B 162 15.22 -3.53 0.30
CA VAL B 162 16.32 -3.62 1.27
C VAL B 162 16.37 -5.04 1.82
N HIS B 163 17.57 -5.45 2.26
CA HIS B 163 17.83 -6.76 2.82
C HIS B 163 18.56 -6.63 4.13
N SER B 164 19.47 -5.64 4.22
CA SER B 164 20.26 -5.34 5.42
C SER B 164 19.35 -4.86 6.52
N GLY B 165 19.66 -5.28 7.74
CA GLY B 165 18.91 -4.95 8.95
C GLY B 165 17.50 -5.48 8.98
N VAL B 166 17.21 -6.52 8.16
CA VAL B 166 15.91 -7.20 8.01
C VAL B 166 16.04 -8.66 8.49
N CYS B 167 14.95 -9.16 9.04
CA CYS B 167 14.79 -10.52 9.45
C CYS B 167 13.30 -10.86 9.50
N THR B 168 12.92 -11.93 8.80
CA THR B 168 11.53 -12.40 8.68
C THR B 168 11.45 -13.79 9.29
N ASP B 169 10.32 -14.16 9.89
CA ASP B 169 10.12 -15.51 10.44
C ASP B 169 10.34 -16.56 9.33
N PRO B 170 11.06 -17.68 9.62
CA PRO B 170 11.33 -18.68 8.56
C PRO B 170 10.06 -19.37 8.05
N GLN B 171 9.15 -19.67 9.00
CA GLN B 171 7.87 -20.28 8.74
C GLN B 171 6.80 -19.43 9.48
N PRO B 172 5.58 -19.31 8.93
CA PRO B 172 4.52 -18.58 9.62
C PRO B 172 4.06 -19.32 10.87
N LEU B 173 3.09 -18.77 11.62
CA LEU B 173 2.55 -19.41 12.82
C LEU B 173 1.02 -19.40 12.83
N LYS B 174 0.40 -20.51 13.27
CA LYS B 174 -1.06 -20.69 13.32
C LYS B 174 -1.68 -19.74 14.32
N GLU B 175 -2.77 -19.08 13.89
CA GLU B 175 -3.50 -18.15 14.73
C GLU B 175 -4.34 -18.94 15.77
N GLN B 176 -5.00 -20.03 15.33
CA GLN B 176 -5.76 -20.92 16.21
C GLN B 176 -5.18 -22.32 16.05
N PRO B 177 -4.12 -22.66 16.84
CA PRO B 177 -3.41 -23.94 16.63
C PRO B 177 -4.24 -25.20 16.87
N ALA B 178 -5.43 -24.99 17.47
CA ALA B 178 -6.47 -25.99 17.76
C ALA B 178 -7.04 -26.56 16.45
N LEU B 179 -7.52 -25.67 15.56
CA LEU B 179 -8.15 -26.00 14.27
C LEU B 179 -7.20 -26.53 13.21
N ASN B 180 -7.69 -27.47 12.39
CA ASN B 180 -6.96 -28.09 11.28
C ASN B 180 -6.75 -27.08 10.15
N ASP B 181 -7.82 -26.33 9.80
CA ASP B 181 -7.75 -25.34 8.72
C ASP B 181 -7.64 -23.87 9.23
N SER B 182 -6.84 -23.68 10.30
CA SER B 182 -6.53 -22.40 10.94
C SER B 182 -5.76 -21.47 10.01
N ARG B 183 -5.99 -20.15 10.16
CA ARG B 183 -5.31 -19.08 9.42
C ARG B 183 -3.95 -18.83 10.08
N TYR B 184 -3.04 -18.15 9.34
CA TYR B 184 -1.64 -17.88 9.72
C TYR B 184 -1.32 -16.45 10.01
N ALA B 185 -0.15 -16.26 10.55
CA ALA B 185 0.40 -14.97 10.87
C ALA B 185 1.91 -15.03 10.65
N LEU B 186 2.47 -13.94 10.16
CA LEU B 186 3.89 -13.83 9.89
C LEU B 186 4.38 -12.47 10.29
N SER B 187 5.53 -12.40 10.96
CA SER B 187 6.13 -11.14 11.33
C SER B 187 7.48 -10.87 10.66
N SER B 188 7.82 -9.60 10.56
CA SER B 188 9.12 -9.22 10.03
C SER B 188 9.62 -8.02 10.76
N ARG B 189 10.94 -7.93 10.90
CA ARG B 189 11.57 -6.79 11.54
C ARG B 189 12.57 -6.08 10.63
N LEU B 190 12.51 -4.75 10.60
CA LEU B 190 13.42 -3.87 9.86
C LEU B 190 14.01 -2.91 10.88
N ARG B 191 15.31 -3.01 11.08
CA ARG B 191 16.06 -2.16 12.01
C ARG B 191 16.90 -1.11 11.26
N VAL B 192 16.63 0.16 11.58
CA VAL B 192 17.32 1.35 11.06
C VAL B 192 18.04 2.08 12.23
N SER B 193 18.83 3.11 11.90
CA SER B 193 19.49 3.99 12.86
C SER B 193 18.43 5.02 13.24
N ALA B 194 18.41 5.52 14.50
CA ALA B 194 17.40 6.50 14.96
C ALA B 194 17.25 7.69 14.01
N THR B 195 18.38 8.22 13.51
CA THR B 195 18.43 9.31 12.54
C THR B 195 17.44 9.01 11.37
N PHE B 196 17.63 7.85 10.69
CA PHE B 196 16.82 7.40 9.56
C PHE B 196 15.32 7.33 9.83
N TRP B 197 14.91 6.96 11.04
CA TRP B 197 13.49 6.93 11.37
C TRP B 197 13.02 8.34 11.72
N GLN B 198 13.83 9.10 12.51
CA GLN B 198 13.54 10.48 12.95
C GLN B 198 13.16 11.39 11.77
N ASN B 199 13.90 11.26 10.64
CA ASN B 199 13.65 11.96 9.39
C ASN B 199 12.22 11.66 8.88
N PRO B 200 11.30 12.65 8.92
CA PRO B 200 9.94 12.40 8.40
C PRO B 200 9.87 12.17 6.88
N ARG B 201 10.94 12.54 6.10
CA ARG B 201 10.97 12.39 4.64
C ARG B 201 11.26 10.98 4.11
N ASN B 202 11.57 10.02 5.00
CA ASN B 202 11.83 8.60 4.67
C ASN B 202 10.55 7.73 4.66
N HIS B 203 10.36 6.91 3.58
CA HIS B 203 9.21 6.04 3.33
C HIS B 203 9.56 4.54 3.38
N PHE B 204 8.86 3.82 4.26
CA PHE B 204 8.99 2.38 4.50
C PHE B 204 7.74 1.67 4.05
N ARG B 205 7.90 0.56 3.31
CA ARG B 205 6.78 -0.23 2.83
C ARG B 205 7.01 -1.71 3.11
N CYS B 206 5.96 -2.43 3.56
CA CYS B 206 6.05 -3.87 3.80
C CYS B 206 5.17 -4.56 2.81
N GLN B 207 5.79 -5.27 1.87
CA GLN B 207 5.13 -5.97 0.75
C GLN B 207 4.92 -7.47 1.00
N VAL B 208 3.68 -7.93 0.82
CA VAL B 208 3.33 -9.34 1.01
C VAL B 208 2.70 -9.89 -0.22
N GLN B 209 3.39 -10.79 -0.87
CA GLN B 209 2.85 -11.50 -2.02
C GLN B 209 2.17 -12.74 -1.46
N PHE B 210 0.88 -12.85 -1.73
CA PHE B 210 -0.01 -13.95 -1.35
C PHE B 210 -0.23 -14.75 -2.60
N TYR B 211 -0.42 -16.05 -2.43
CA TYR B 211 -0.71 -17.02 -3.48
C TYR B 211 -1.94 -17.69 -3.05
N GLY B 212 -2.98 -17.53 -3.85
CA GLY B 212 -4.27 -18.11 -3.55
C GLY B 212 -4.90 -18.72 -4.77
N LEU B 213 -6.18 -18.41 -4.95
CA LEU B 213 -7.02 -18.85 -6.05
C LEU B 213 -6.53 -18.32 -7.38
N SER B 214 -6.88 -19.01 -8.46
CA SER B 214 -6.54 -18.62 -9.83
C SER B 214 -7.78 -17.95 -10.49
N GLU B 215 -7.61 -17.42 -11.71
CA GLU B 215 -8.68 -16.76 -12.46
C GLU B 215 -9.85 -17.74 -12.77
N ASN B 216 -9.52 -18.99 -13.08
CA ASN B 216 -10.47 -20.07 -13.42
C ASN B 216 -11.21 -20.68 -12.21
N ASP B 217 -10.87 -20.30 -10.99
CA ASP B 217 -11.52 -20.88 -9.81
C ASP B 217 -12.89 -20.28 -9.55
N GLU B 218 -13.87 -21.14 -9.25
CA GLU B 218 -15.23 -20.68 -8.99
C GLU B 218 -15.37 -20.05 -7.64
N TRP B 219 -16.00 -18.86 -7.62
CA TRP B 219 -16.27 -18.11 -6.40
C TRP B 219 -17.72 -17.67 -6.37
N THR B 220 -18.48 -18.31 -5.49
CA THR B 220 -19.90 -18.06 -5.31
C THR B 220 -20.11 -17.60 -3.85
N GLN B 221 -19.35 -16.55 -3.49
CA GLN B 221 -19.32 -15.97 -2.16
C GLN B 221 -19.49 -14.48 -2.24
N ASP B 222 -19.92 -13.85 -1.13
CA ASP B 222 -20.17 -12.41 -1.06
C ASP B 222 -18.88 -11.60 -1.10
N ARG B 223 -17.91 -11.92 -0.21
CA ARG B 223 -16.58 -11.30 -0.13
C ARG B 223 -15.78 -11.44 -1.45
N ALA B 224 -14.75 -10.58 -1.63
CA ALA B 224 -13.88 -10.57 -2.81
C ALA B 224 -13.14 -11.91 -2.98
N LYS B 225 -13.02 -12.39 -4.24
CA LYS B 225 -12.30 -13.63 -4.56
C LYS B 225 -10.86 -13.54 -4.01
N PRO B 226 -10.44 -14.52 -3.18
CA PRO B 226 -9.09 -14.45 -2.58
C PRO B 226 -8.00 -15.00 -3.51
N VAL B 227 -7.80 -14.28 -4.62
CA VAL B 227 -6.84 -14.62 -5.67
C VAL B 227 -5.42 -14.29 -5.21
N THR B 228 -4.43 -14.74 -6.01
CA THR B 228 -3.02 -14.40 -5.86
C THR B 228 -2.98 -12.88 -5.96
N GLN B 229 -2.28 -12.26 -5.01
CA GLN B 229 -2.23 -10.80 -4.94
C GLN B 229 -1.12 -10.34 -4.03
N ILE B 230 -0.90 -9.01 -4.00
CA ILE B 230 0.04 -8.28 -3.13
C ILE B 230 -0.80 -7.44 -2.17
N VAL B 231 -0.35 -7.35 -0.92
CA VAL B 231 -0.98 -6.57 0.15
C VAL B 231 0.16 -5.83 0.87
N SER B 232 0.03 -4.50 0.98
CA SER B 232 1.02 -3.61 1.58
C SER B 232 0.53 -2.74 2.73
N ALA B 233 1.52 -2.16 3.44
CA ALA B 233 1.36 -1.26 4.58
C ALA B 233 2.56 -0.33 4.55
N GLU B 234 2.30 0.99 4.67
CA GLU B 234 3.29 2.06 4.59
C GLU B 234 3.62 2.78 5.89
N ALA B 235 4.76 3.46 5.91
CA ALA B 235 5.26 4.24 7.04
C ALA B 235 6.29 5.29 6.59
N TRP B 236 6.28 6.43 7.28
CA TRP B 236 7.11 7.63 7.09
C TRP B 236 7.60 7.90 8.47
N GLY B 237 8.82 8.42 8.59
CA GLY B 237 9.42 8.76 9.88
C GLY B 237 8.65 9.80 10.68
N ARG B 238 8.99 9.91 11.97
CA ARG B 238 8.40 10.84 12.94
C ARG B 238 9.51 11.30 13.89
N ALA B 239 9.49 12.60 14.28
CA ALA B 239 10.48 13.19 15.18
C ALA B 239 9.84 13.64 16.50
N ASP C 2 -30.65 42.49 5.55
CA ASP C 2 -31.58 41.42 5.21
C ASP C 2 -31.16 40.46 4.06
N SER C 3 -30.58 40.96 2.95
CA SER C 3 -30.28 40.10 1.79
C SER C 3 -29.04 40.50 0.92
N VAL C 4 -28.31 39.50 0.34
CA VAL C 4 -27.20 39.69 -0.64
C VAL C 4 -27.31 38.69 -1.81
N THR C 5 -27.35 39.19 -3.06
CA THR C 5 -27.53 38.48 -4.36
C THR C 5 -26.28 38.59 -5.29
N GLN C 6 -25.54 37.46 -5.50
CA GLN C 6 -24.35 37.31 -6.38
C GLN C 6 -24.71 36.74 -7.76
N THR C 7 -23.80 36.86 -8.79
CA THR C 7 -24.12 36.22 -10.09
C THR C 7 -24.17 34.73 -9.91
N GLU C 8 -25.21 34.10 -10.46
CA GLU C 8 -25.29 32.68 -10.25
C GLU C 8 -24.54 31.85 -11.22
N GLY C 9 -23.82 30.90 -10.65
CA GLY C 9 -23.13 29.93 -11.47
C GLY C 9 -21.63 29.99 -11.50
N LEU C 10 -21.14 29.72 -12.72
CA LEU C 10 -19.74 29.58 -13.02
C LEU C 10 -19.31 30.67 -13.95
N VAL C 11 -18.25 31.36 -13.54
CA VAL C 11 -17.67 32.39 -14.38
C VAL C 11 -16.39 31.83 -14.96
N THR C 12 -16.34 31.70 -16.30
CA THR C 12 -15.14 31.18 -16.98
C THR C 12 -14.52 32.31 -17.71
N VAL C 13 -13.28 32.60 -17.34
CA VAL C 13 -12.47 33.68 -17.90
C VAL C 13 -11.09 33.17 -18.26
N THR C 14 -10.60 33.56 -19.42
CA THR C 14 -9.27 33.18 -19.87
C THR C 14 -8.23 34.06 -19.16
N GLU C 15 -7.09 33.50 -18.72
CA GLU C 15 -6.01 34.20 -17.98
C GLU C 15 -5.48 35.46 -18.70
N GLY C 16 -5.28 36.53 -17.95
CA GLY C 16 -4.83 37.81 -18.45
C GLY C 16 -5.97 38.78 -18.72
N LEU C 17 -7.20 38.23 -18.92
CA LEU C 17 -8.40 39.04 -19.17
C LEU C 17 -9.05 39.47 -17.84
N PRO C 18 -9.97 40.46 -17.82
CA PRO C 18 -10.53 40.89 -16.53
C PRO C 18 -11.77 40.14 -16.06
N VAL C 19 -12.19 40.40 -14.81
CA VAL C 19 -13.41 39.83 -14.22
C VAL C 19 -14.34 40.80 -13.58
N MET C 20 -15.63 40.40 -13.54
CA MET C 20 -16.75 41.10 -12.89
C MET C 20 -17.62 40.12 -12.15
N LEU C 21 -17.55 40.15 -10.85
CA LEU C 21 -18.41 39.31 -10.00
C LEU C 21 -19.41 40.23 -9.33
N ASN C 22 -20.63 40.22 -9.83
CA ASN C 22 -21.70 41.06 -9.35
C ASN C 22 -22.21 40.72 -7.98
N CYS C 23 -22.50 41.73 -7.22
CA CYS C 23 -23.08 41.66 -5.90
C CYS C 23 -24.01 42.85 -5.66
N THR C 24 -25.28 42.56 -5.52
CA THR C 24 -26.35 43.50 -5.16
C THR C 24 -26.81 43.04 -3.80
N TYR C 25 -27.52 43.89 -3.08
CA TYR C 25 -27.99 43.61 -1.73
C TYR C 25 -29.24 44.42 -1.40
N GLN C 26 -29.81 44.17 -0.22
CA GLN C 26 -30.99 44.87 0.32
C GLN C 26 -30.85 44.91 1.81
N THR C 27 -30.65 46.11 2.37
CA THR C 27 -30.52 46.29 3.82
C THR C 27 -31.23 47.54 4.34
N ALA C 28 -32.03 47.35 5.39
CA ALA C 28 -32.78 48.41 6.06
C ALA C 28 -31.82 49.36 6.79
N TYR C 29 -30.78 48.79 7.40
CA TYR C 29 -29.76 49.47 8.17
C TYR C 29 -28.95 50.45 7.34
N SER C 30 -28.52 51.55 7.96
CA SER C 30 -27.72 52.60 7.32
C SER C 30 -26.22 52.31 7.42
N ASP C 31 -25.69 52.06 8.64
CA ASP C 31 -24.28 51.74 8.88
C ASP C 31 -24.08 50.25 8.63
N VAL C 32 -23.36 49.91 7.54
CA VAL C 32 -23.06 48.53 7.15
C VAL C 32 -21.62 48.41 6.61
N ALA C 33 -20.99 47.24 6.81
CA ALA C 33 -19.68 46.90 6.25
C ALA C 33 -19.95 45.85 5.17
N PHE C 34 -19.15 45.88 4.12
CA PHE C 34 -19.30 45.00 2.98
C PHE C 34 -18.01 44.30 2.74
N PHE C 35 -18.13 43.03 2.35
CA PHE C 35 -16.98 42.16 2.19
C PHE C 35 -17.07 41.30 0.95
N TRP C 36 -15.91 40.76 0.61
CA TRP C 36 -15.63 39.74 -0.38
C TRP C 36 -14.73 38.74 0.32
N TYR C 37 -15.17 37.47 0.36
CA TYR C 37 -14.40 36.38 0.93
C TYR C 37 -14.08 35.47 -0.19
N VAL C 38 -12.87 34.94 -0.18
CA VAL C 38 -12.33 34.01 -1.17
C VAL C 38 -12.08 32.66 -0.50
N GLN C 39 -12.56 31.60 -1.14
CA GLN C 39 -12.31 30.27 -0.65
C GLN C 39 -11.63 29.44 -1.73
N TYR C 40 -10.37 29.06 -1.52
CA TYR C 40 -9.71 28.17 -2.47
C TYR C 40 -10.03 26.75 -2.06
N LEU C 41 -9.81 25.80 -2.98
CA LEU C 41 -10.10 24.39 -2.76
C LEU C 41 -9.47 23.83 -1.51
N ASN C 42 -10.35 23.22 -0.67
CA ASN C 42 -10.04 22.55 0.60
C ASN C 42 -9.24 23.49 1.53
N GLU C 43 -9.59 24.78 1.46
CA GLU C 43 -8.97 25.85 2.23
C GLU C 43 -10.05 26.60 3.00
N ALA C 44 -9.62 27.31 4.03
CA ALA C 44 -10.51 28.09 4.86
C ALA C 44 -10.94 29.41 4.16
N PRO C 45 -12.27 29.76 4.09
CA PRO C 45 -12.64 31.07 3.51
C PRO C 45 -11.84 32.18 4.20
N LYS C 46 -11.25 33.08 3.41
CA LYS C 46 -10.45 34.19 3.95
C LYS C 46 -10.91 35.51 3.36
N LEU C 47 -10.80 36.59 4.13
CA LEU C 47 -11.17 37.93 3.70
C LEU C 47 -10.32 38.37 2.51
N LEU C 48 -11.01 38.84 1.46
CA LEU C 48 -10.37 39.36 0.25
C LEU C 48 -10.32 40.89 0.32
N LEU C 49 -11.45 41.51 0.65
CA LEU C 49 -11.49 42.95 0.89
C LEU C 49 -12.75 43.38 1.60
N ARG C 50 -12.67 44.51 2.32
CA ARG C 50 -13.81 45.09 3.04
C ARG C 50 -13.98 46.60 2.78
N SER C 51 -15.20 47.13 3.05
CA SER C 51 -15.56 48.54 2.85
C SER C 51 -16.87 48.89 3.53
N SER C 52 -16.89 50.09 4.13
CA SER C 52 -18.04 50.65 4.86
C SER C 52 -18.49 51.99 4.25
N THR C 53 -17.59 52.60 3.45
CA THR C 53 -17.73 53.92 2.81
C THR C 53 -18.19 53.85 1.37
N ASP C 54 -19.30 54.55 1.07
CA ASP C 54 -19.89 54.66 -0.26
C ASP C 54 -18.94 55.37 -1.23
N ASN C 55 -18.96 54.95 -2.49
CA ASN C 55 -18.23 55.52 -3.62
C ASN C 55 -16.71 55.52 -3.51
N LYS C 56 -16.18 54.78 -2.53
CA LYS C 56 -14.74 54.64 -2.29
C LYS C 56 -14.34 53.27 -2.74
N ARG C 57 -13.33 53.21 -3.62
CA ARG C 57 -12.84 51.95 -4.11
C ARG C 57 -11.74 51.35 -3.25
N THR C 58 -12.03 50.16 -2.70
CA THR C 58 -11.09 49.40 -1.89
C THR C 58 -10.31 48.42 -2.80
N GLU C 59 -8.99 48.35 -2.59
CA GLU C 59 -8.11 47.50 -3.39
C GLU C 59 -7.38 46.50 -2.53
N HIS C 60 -7.07 45.34 -3.12
CA HIS C 60 -6.32 44.28 -2.47
C HIS C 60 -5.78 43.32 -3.51
N GLN C 61 -4.47 43.39 -3.72
CA GLN C 61 -3.73 42.48 -4.60
C GLN C 61 -4.40 42.32 -5.97
N GLY C 62 -4.61 43.46 -6.64
CA GLY C 62 -5.22 43.54 -7.96
C GLY C 62 -6.73 43.54 -7.95
N PHE C 63 -7.35 43.24 -6.82
CA PHE C 63 -8.80 43.19 -6.70
C PHE C 63 -9.35 44.47 -6.15
N HIS C 64 -10.38 44.98 -6.77
CA HIS C 64 -11.03 46.18 -6.31
C HIS C 64 -12.54 45.99 -6.35
N ALA C 65 -13.21 46.81 -5.56
CA ALA C 65 -14.64 46.84 -5.45
C ALA C 65 -14.95 48.22 -4.95
N THR C 66 -16.07 48.78 -5.41
CA THR C 66 -16.54 50.10 -5.01
C THR C 66 -17.95 49.90 -4.56
N LEU C 67 -18.32 50.54 -3.46
CA LEU C 67 -19.67 50.47 -2.90
C LEU C 67 -20.47 51.59 -3.53
N HIS C 68 -21.64 51.23 -4.09
CA HIS C 68 -22.61 52.14 -4.68
C HIS C 68 -23.98 51.92 -3.97
N LYS C 69 -24.15 52.58 -2.81
CA LYS C 69 -25.39 52.47 -2.04
C LYS C 69 -26.62 52.96 -2.84
N SER C 70 -26.40 53.77 -3.89
CA SER C 70 -27.50 54.32 -4.72
C SER C 70 -28.11 53.24 -5.63
N SER C 71 -27.34 52.17 -5.97
CA SER C 71 -27.81 51.04 -6.79
C SER C 71 -27.48 49.74 -6.10
N SER C 72 -27.29 49.81 -4.78
CA SER C 72 -27.07 48.72 -3.85
C SER C 72 -26.10 47.71 -4.47
N SER C 73 -24.87 48.17 -4.84
CA SER C 73 -23.85 47.34 -5.50
C SER C 73 -22.53 47.37 -4.81
N PHE C 74 -21.87 46.20 -4.79
CA PHE C 74 -20.50 45.99 -4.31
C PHE C 74 -19.82 44.91 -5.19
N HIS C 75 -19.68 45.13 -6.50
CA HIS C 75 -19.09 44.16 -7.46
C HIS C 75 -17.64 43.96 -7.33
N LEU C 76 -17.17 42.71 -7.49
CA LEU C 76 -15.74 42.36 -7.45
C LEU C 76 -15.12 42.36 -8.85
N GLN C 77 -13.96 43.03 -8.94
CA GLN C 77 -13.25 43.24 -10.18
C GLN C 77 -11.78 43.02 -10.01
N LYS C 78 -11.13 42.69 -11.11
CA LYS C 78 -9.70 42.50 -11.26
C LYS C 78 -9.42 42.68 -12.76
N SER C 79 -8.45 43.56 -13.12
CA SER C 79 -8.08 43.89 -14.52
C SER C 79 -7.41 42.72 -15.28
N SER C 80 -6.58 41.93 -14.59
CA SER C 80 -5.86 40.83 -15.21
C SER C 80 -5.91 39.58 -14.29
N VAL C 81 -6.71 38.61 -14.67
CA VAL C 81 -6.91 37.41 -13.86
C VAL C 81 -5.82 36.35 -14.09
N GLN C 82 -5.37 35.68 -13.01
CA GLN C 82 -4.35 34.62 -13.13
C GLN C 82 -4.90 33.24 -12.71
N LEU C 83 -4.27 32.13 -13.14
CA LEU C 83 -4.76 30.79 -12.81
C LEU C 83 -4.95 30.52 -11.30
N SER C 84 -4.14 31.17 -10.45
CA SER C 84 -4.24 31.05 -9.00
C SER C 84 -5.52 31.66 -8.42
N ASP C 85 -6.32 32.38 -9.23
CA ASP C 85 -7.57 33.05 -8.86
C ASP C 85 -8.81 32.15 -8.94
N SER C 86 -8.66 30.91 -9.42
CA SER C 86 -9.77 29.95 -9.50
C SER C 86 -10.14 29.64 -8.06
N ALA C 87 -11.35 29.99 -7.67
CA ALA C 87 -11.82 29.89 -6.30
C ALA C 87 -13.30 30.14 -6.27
N LEU C 88 -13.87 30.12 -5.09
CA LEU C 88 -15.26 30.42 -4.82
C LEU C 88 -15.24 31.76 -4.10
N TYR C 89 -16.00 32.75 -4.58
CA TYR C 89 -16.07 34.10 -4.01
C TYR C 89 -17.39 34.39 -3.33
N TYR C 90 -17.34 34.81 -2.04
CA TYR C 90 -18.54 35.16 -1.26
C TYR C 90 -18.66 36.64 -1.01
N CYS C 91 -19.82 37.22 -1.35
CA CYS C 91 -20.13 38.61 -1.04
C CYS C 91 -20.89 38.64 0.29
N ALA C 92 -20.43 39.49 1.21
CA ALA C 92 -21.00 39.55 2.54
C ALA C 92 -21.36 40.94 2.98
N LEU C 93 -22.26 41.01 3.96
CA LEU C 93 -22.82 42.24 4.49
C LEU C 93 -23.02 42.12 6.02
N SER C 94 -22.48 43.10 6.78
CA SER C 94 -22.58 43.13 8.24
C SER C 94 -22.94 44.52 8.80
N PRO C 95 -24.17 44.72 9.27
CA PRO C 95 -24.46 46.03 9.82
C PRO C 95 -23.52 46.34 10.96
N HIS C 96 -23.01 47.56 11.00
CA HIS C 96 -22.06 47.96 12.01
C HIS C 96 -22.59 47.86 13.41
N ASN C 97 -23.85 48.23 13.65
CA ASN C 97 -24.32 48.13 15.04
C ASN C 97 -25.48 47.24 15.51
N THR C 98 -26.12 46.45 14.65
CA THR C 98 -27.23 45.66 15.17
C THR C 98 -26.59 44.79 16.25
N GLY C 99 -27.28 44.62 17.38
CA GLY C 99 -26.67 43.97 18.53
C GLY C 99 -26.06 42.62 18.31
N ASN C 100 -26.68 41.76 17.51
CA ASN C 100 -26.01 40.49 17.23
C ASN C 100 -25.21 40.76 15.97
N TYR C 101 -23.90 40.53 16.04
CA TYR C 101 -22.98 40.80 14.93
C TYR C 101 -22.98 39.65 13.94
N LYS C 102 -24.08 39.44 13.22
CA LYS C 102 -24.14 38.34 12.30
C LYS C 102 -24.25 38.85 10.87
N TYR C 103 -23.50 38.18 10.01
CA TYR C 103 -23.40 38.47 8.59
C TYR C 103 -24.55 37.89 7.81
N VAL C 104 -24.75 38.44 6.60
CA VAL C 104 -25.64 37.96 5.56
C VAL C 104 -24.60 37.60 4.49
N PHE C 105 -24.74 36.41 3.89
CA PHE C 105 -23.82 35.91 2.89
C PHE C 105 -24.63 35.59 1.67
N GLY C 106 -24.01 35.84 0.51
CA GLY C 106 -24.57 35.51 -0.78
C GLY C 106 -24.31 34.04 -1.06
N ALA C 107 -25.03 33.48 -2.05
CA ALA C 107 -24.94 32.09 -2.44
C ALA C 107 -23.57 31.62 -2.97
N GLY C 108 -22.65 32.56 -3.22
CA GLY C 108 -21.33 32.26 -3.75
C GLY C 108 -21.28 32.26 -5.26
N THR C 109 -20.07 32.45 -5.79
CA THR C 109 -19.77 32.43 -7.24
C THR C 109 -18.42 31.77 -7.39
N ARG C 110 -18.38 30.76 -8.26
CA ARG C 110 -17.16 30.03 -8.56
C ARG C 110 -16.64 30.67 -9.85
N LEU C 111 -15.35 31.00 -9.83
CA LEU C 111 -14.60 31.55 -10.94
C LEU C 111 -13.66 30.47 -11.40
N LYS C 112 -13.69 30.16 -12.69
CA LYS C 112 -12.79 29.17 -13.29
C LYS C 112 -11.84 29.91 -14.28
N VAL C 113 -10.52 29.95 -13.97
CA VAL C 113 -9.55 30.56 -14.87
C VAL C 113 -9.00 29.49 -15.81
N ILE C 114 -8.97 29.78 -17.11
CA ILE C 114 -8.43 28.83 -18.09
C ILE C 114 -7.15 29.38 -18.74
N ALA C 115 -6.18 28.52 -18.99
CA ALA C 115 -4.90 28.94 -19.55
C ALA C 115 -5.01 29.38 -21.01
N HIS C 116 -4.15 30.35 -21.39
CA HIS C 116 -4.05 30.77 -22.78
C HIS C 116 -2.96 29.91 -23.43
N ILE C 117 -3.33 29.09 -24.42
CA ILE C 117 -2.39 28.19 -25.09
C ILE C 117 -2.03 28.71 -26.47
N GLN C 118 -0.83 29.34 -26.54
CA GLN C 118 -0.25 29.99 -27.74
C GLN C 118 0.10 28.92 -28.78
N ASN C 119 0.82 27.86 -28.34
CA ASN C 119 1.25 26.80 -29.24
C ASN C 119 0.63 25.42 -28.95
N PRO C 120 -0.61 25.17 -29.40
CA PRO C 120 -1.18 23.83 -29.16
C PRO C 120 -0.74 22.75 -30.14
N ASP C 121 -0.35 21.58 -29.62
CA ASP C 121 -0.07 20.38 -30.41
C ASP C 121 -0.88 19.19 -29.86
N PRO C 122 -2.21 19.17 -30.17
CA PRO C 122 -3.09 18.08 -29.69
C PRO C 122 -2.53 16.69 -29.99
N ALA C 123 -2.79 15.72 -29.06
CA ALA C 123 -2.30 14.34 -29.13
C ALA C 123 -2.88 13.45 -28.08
N VAL C 124 -3.15 12.20 -28.47
CA VAL C 124 -3.65 11.16 -27.59
C VAL C 124 -2.59 10.10 -27.53
N TYR C 125 -1.99 9.96 -26.34
CA TYR C 125 -0.90 9.03 -26.07
C TYR C 125 -1.44 7.93 -25.22
N GLN C 126 -0.71 6.81 -25.17
CA GLN C 126 -1.00 5.65 -24.35
C GLN C 126 0.12 5.46 -23.34
N LEU C 127 -0.26 5.26 -22.08
CA LEU C 127 0.66 5.08 -20.98
C LEU C 127 0.53 3.66 -20.47
N ARG C 128 1.58 3.12 -19.83
CA ARG C 128 1.62 1.74 -19.33
C ARG C 128 1.83 1.74 -17.82
N ASP C 129 1.20 0.79 -17.10
CA ASP C 129 1.34 0.67 -15.65
C ASP C 129 2.76 0.28 -15.24
N SER C 130 3.41 1.11 -14.39
CA SER C 130 4.76 0.85 -13.88
C SER C 130 4.93 -0.50 -13.14
N LYS C 131 3.82 -1.06 -12.59
CA LYS C 131 3.84 -2.31 -11.85
C LYS C 131 3.70 -3.53 -12.75
N SER C 132 2.67 -3.55 -13.60
CA SER C 132 2.39 -4.65 -14.52
C SER C 132 2.11 -4.09 -15.91
N SER C 133 2.74 -4.69 -16.95
CA SER C 133 2.55 -4.30 -18.36
C SER C 133 1.04 -4.30 -18.74
N ASP C 134 0.25 -5.05 -17.93
CA ASP C 134 -1.20 -5.29 -17.94
C ASP C 134 -2.07 -4.03 -18.20
N LYS C 135 -2.14 -3.10 -17.22
CA LYS C 135 -2.96 -1.90 -17.30
C LYS C 135 -2.36 -0.72 -18.07
N SER C 136 -3.24 -0.02 -18.82
CA SER C 136 -2.95 1.16 -19.64
C SER C 136 -3.98 2.31 -19.50
N VAL C 137 -3.52 3.52 -19.82
CA VAL C 137 -4.28 4.76 -19.73
C VAL C 137 -4.09 5.56 -21.03
N CYS C 138 -5.18 6.21 -21.53
CA CYS C 138 -5.12 7.07 -22.73
C CYS C 138 -5.18 8.53 -22.32
N LEU C 139 -4.06 9.25 -22.47
CA LEU C 139 -3.95 10.66 -22.13
C LEU C 139 -4.08 11.54 -23.37
N PHE C 140 -5.12 12.35 -23.39
CA PHE C 140 -5.35 13.35 -24.43
C PHE C 140 -4.73 14.63 -23.82
N THR C 141 -3.83 15.28 -24.55
CA THR C 141 -3.10 16.42 -24.01
C THR C 141 -2.76 17.45 -25.08
N ASP C 142 -2.31 18.64 -24.62
CA ASP C 142 -1.86 19.76 -25.45
C ASP C 142 -2.91 20.40 -26.38
N PHE C 143 -4.21 20.20 -26.05
CA PHE C 143 -5.32 20.81 -26.79
C PHE C 143 -5.53 22.23 -26.29
N ASP C 144 -6.11 23.09 -27.14
CA ASP C 144 -6.41 24.48 -26.80
C ASP C 144 -7.54 24.50 -25.73
N SER C 145 -7.54 25.52 -24.84
CA SER C 145 -8.53 25.65 -23.74
C SER C 145 -10.00 25.60 -24.18
N GLN C 146 -10.28 25.93 -25.46
CA GLN C 146 -11.62 25.97 -26.05
C GLN C 146 -12.16 24.62 -26.53
N THR C 147 -11.39 23.52 -26.35
CA THR C 147 -11.79 22.15 -26.68
C THR C 147 -12.52 21.56 -25.46
N ASN C 148 -13.67 20.91 -25.68
CA ASN C 148 -14.44 20.31 -24.59
C ASN C 148 -14.51 18.79 -24.69
N VAL C 149 -14.07 18.13 -23.62
CA VAL C 149 -14.01 16.67 -23.47
C VAL C 149 -15.32 16.14 -22.83
N SER C 150 -16.19 15.56 -23.68
CA SER C 150 -17.48 15.01 -23.30
C SER C 150 -17.40 13.51 -23.02
N GLN C 151 -17.77 13.14 -21.77
CA GLN C 151 -17.80 11.77 -21.21
C GLN C 151 -18.34 10.66 -22.15
N SER C 152 -17.83 9.44 -21.94
CA SER C 152 -18.12 8.25 -22.74
C SER C 152 -19.59 7.86 -22.86
N LYS C 153 -19.91 7.17 -23.97
CA LYS C 153 -21.22 6.58 -24.24
C LYS C 153 -21.19 5.11 -23.73
N ASP C 154 -20.02 4.44 -23.89
CA ASP C 154 -19.77 3.06 -23.43
C ASP C 154 -19.94 2.99 -21.91
N SER C 155 -20.70 1.99 -21.45
CA SER C 155 -21.03 1.75 -20.02
C SER C 155 -19.82 1.36 -19.11
N ASP C 156 -18.70 0.91 -19.72
CA ASP C 156 -17.49 0.51 -18.98
C ASP C 156 -16.23 1.40 -19.25
N VAL C 157 -16.41 2.58 -19.89
CA VAL C 157 -15.32 3.53 -20.19
C VAL C 157 -15.38 4.80 -19.33
N TYR C 158 -14.32 5.04 -18.54
CA TYR C 158 -14.20 6.21 -17.67
C TYR C 158 -13.35 7.27 -18.31
N ILE C 159 -13.85 8.51 -18.32
CA ILE C 159 -13.20 9.65 -18.97
C ILE C 159 -13.26 10.86 -18.03
N THR C 160 -12.10 11.31 -17.51
CA THR C 160 -12.03 12.52 -16.67
C THR C 160 -12.29 13.77 -17.53
N ASP C 161 -12.31 14.93 -16.87
CA ASP C 161 -12.56 16.20 -17.54
C ASP C 161 -11.24 16.95 -17.75
N LYS C 162 -11.26 17.98 -18.59
CA LYS C 162 -10.09 18.80 -18.85
C LYS C 162 -9.58 19.51 -17.60
N CYS C 163 -8.25 19.54 -17.45
CA CYS C 163 -7.55 20.10 -16.30
C CYS C 163 -6.23 20.75 -16.80
N VAL C 164 -5.87 21.91 -16.23
CA VAL C 164 -4.71 22.73 -16.59
C VAL C 164 -3.53 22.47 -15.66
N LEU C 165 -2.37 22.38 -16.26
CA LEU C 165 -1.11 22.13 -15.61
C LEU C 165 -0.20 23.32 -16.01
N ASP C 166 0.63 23.81 -15.06
CA ASP C 166 1.57 24.93 -15.19
C ASP C 166 2.96 24.44 -14.81
N MET C 167 3.86 24.28 -15.78
CA MET C 167 5.24 23.88 -15.53
C MET C 167 6.03 25.17 -15.34
N ARG C 168 5.87 25.77 -14.14
CA ARG C 168 6.43 27.06 -13.71
C ARG C 168 7.81 27.41 -14.25
N SER C 169 8.86 26.63 -13.88
CA SER C 169 10.27 26.86 -14.28
C SER C 169 10.53 27.03 -15.81
N MET C 170 9.63 26.51 -16.67
CA MET C 170 9.68 26.60 -18.13
C MET C 170 8.70 27.64 -18.63
N ASP C 171 7.75 28.07 -17.76
CA ASP C 171 6.56 28.88 -18.05
C ASP C 171 5.79 28.40 -19.28
N PHE C 172 5.51 27.09 -19.20
CA PHE C 172 4.75 26.31 -20.15
C PHE C 172 3.51 25.89 -19.36
N LYS C 173 2.32 25.97 -20.00
CA LYS C 173 1.03 25.56 -19.47
C LYS C 173 0.41 24.61 -20.48
N SER C 174 -0.44 23.64 -20.02
CA SER C 174 -1.10 22.65 -20.88
C SER C 174 -2.30 21.96 -20.27
N ASN C 175 -3.26 21.62 -21.12
CA ASN C 175 -4.45 20.90 -20.73
C ASN C 175 -4.32 19.42 -21.04
N SER C 176 -4.88 18.59 -20.17
CA SER C 176 -4.91 17.14 -20.33
C SER C 176 -6.18 16.56 -19.79
N ALA C 177 -6.63 15.51 -20.42
CA ALA C 177 -7.81 14.77 -20.02
C ALA C 177 -7.42 13.31 -20.14
N VAL C 178 -7.84 12.49 -19.19
CA VAL C 178 -7.50 11.06 -19.13
C VAL C 178 -8.73 10.17 -19.40
N ALA C 179 -8.51 9.03 -20.10
CA ALA C 179 -9.51 8.02 -20.37
C ALA C 179 -8.92 6.66 -20.09
N TRP C 180 -9.73 5.77 -19.53
CA TRP C 180 -9.36 4.39 -19.20
C TRP C 180 -10.61 3.53 -19.10
N SER C 181 -10.42 2.23 -19.21
CA SER C 181 -11.46 1.21 -19.19
C SER C 181 -10.79 -0.13 -19.08
N ASN C 182 -11.46 -1.12 -18.44
CA ASN C 182 -10.97 -2.50 -18.31
C ASN C 182 -11.41 -3.30 -19.54
N LYS C 183 -12.51 -2.82 -20.17
CA LYS C 183 -13.17 -3.35 -21.37
C LYS C 183 -12.16 -3.51 -22.50
N SER C 184 -11.98 -4.76 -22.99
CA SER C 184 -11.08 -5.06 -24.10
C SER C 184 -11.67 -4.41 -25.35
N ASP C 185 -10.84 -4.21 -26.39
CA ASP C 185 -11.22 -3.54 -27.64
C ASP C 185 -11.40 -2.01 -27.40
N PHE C 186 -10.82 -1.50 -26.28
CA PHE C 186 -10.77 -0.08 -25.94
C PHE C 186 -9.35 0.41 -26.32
N ALA C 187 -9.28 1.29 -27.33
CA ALA C 187 -8.03 1.83 -27.85
C ALA C 187 -8.05 3.35 -27.77
N CYS C 188 -6.84 3.96 -27.77
CA CYS C 188 -6.68 5.41 -27.70
C CYS C 188 -7.30 6.22 -28.85
N ALA C 189 -7.57 5.54 -29.99
CA ALA C 189 -8.17 6.12 -31.18
C ALA C 189 -9.64 6.48 -31.01
N ASN C 190 -10.45 5.53 -30.51
CA ASN C 190 -11.89 5.72 -30.30
C ASN C 190 -12.22 6.24 -28.91
N ALA C 191 -11.20 6.32 -28.02
CA ALA C 191 -11.31 6.78 -26.64
C ALA C 191 -11.94 8.16 -26.48
N PHE C 192 -11.65 9.11 -27.38
CA PHE C 192 -12.20 10.47 -27.31
C PHE C 192 -13.01 10.83 -28.55
N ASN C 193 -13.64 9.82 -29.19
CA ASN C 193 -14.46 9.98 -30.39
C ASN C 193 -15.78 10.70 -30.09
N ASN C 194 -16.23 10.65 -28.81
CA ASN C 194 -17.46 11.28 -28.31
C ASN C 194 -17.33 12.81 -28.24
N SER C 195 -16.10 13.33 -28.36
CA SER C 195 -15.78 14.76 -28.33
C SER C 195 -15.33 15.21 -29.71
N ILE C 196 -15.69 16.44 -30.10
CA ILE C 196 -15.28 17.05 -31.37
C ILE C 196 -13.84 17.52 -31.20
N ILE C 197 -12.90 16.61 -31.45
CA ILE C 197 -11.47 16.87 -31.30
C ILE C 197 -10.85 17.48 -32.56
N PRO C 198 -9.68 18.18 -32.47
CA PRO C 198 -9.03 18.69 -33.70
C PRO C 198 -8.75 17.59 -34.73
N GLU C 199 -8.85 17.94 -36.04
CA GLU C 199 -8.63 17.02 -37.16
C GLU C 199 -7.15 16.63 -37.30
N ASP C 200 -6.29 17.50 -36.78
CA ASP C 200 -4.84 17.44 -36.73
C ASP C 200 -4.30 16.80 -35.40
N THR C 201 -5.12 15.95 -34.73
CA THR C 201 -4.71 15.32 -33.45
C THR C 201 -3.76 14.16 -33.68
N PHE C 202 -2.56 14.30 -33.13
CA PHE C 202 -1.49 13.33 -33.26
C PHE C 202 -1.80 11.97 -32.62
N PHE C 203 -2.04 10.96 -33.47
CA PHE C 203 -2.28 9.60 -33.02
C PHE C 203 -1.05 8.76 -33.37
N PRO C 204 -0.15 8.50 -32.38
CA PRO C 204 1.07 7.78 -32.69
C PRO C 204 0.82 6.30 -32.97
N SER C 205 1.54 5.75 -33.95
CA SER C 205 1.24 4.39 -34.34
C SER C 205 1.38 3.51 -33.12
N PRO C 206 0.35 2.70 -32.92
CA PRO C 206 0.31 1.73 -31.80
C PRO C 206 0.80 0.33 -32.20
N ALA D 2 -5.61 30.34 11.36
CA ALA D 2 -5.28 30.66 12.75
C ALA D 2 -6.24 29.99 13.78
N VAL D 3 -7.34 29.40 13.27
CA VAL D 3 -8.35 28.70 14.03
C VAL D 3 -8.25 27.19 13.69
N THR D 4 -7.80 26.37 14.66
CA THR D 4 -7.61 24.93 14.49
C THR D 4 -8.93 24.17 14.62
N GLN D 5 -9.28 23.40 13.57
CA GLN D 5 -10.51 22.60 13.51
C GLN D 5 -10.20 21.10 13.52
N SER D 6 -11.12 20.30 14.07
CA SER D 6 -10.98 18.84 14.17
C SER D 6 -12.34 18.10 14.28
N PRO D 7 -12.51 16.99 13.53
CA PRO D 7 -11.56 16.38 12.56
C PRO D 7 -11.61 17.01 11.15
N ARG D 8 -10.62 16.74 10.26
CA ARG D 8 -10.70 17.26 8.89
C ARG D 8 -11.84 16.51 8.16
N SER D 9 -12.04 15.23 8.50
CA SER D 9 -13.09 14.42 7.91
C SER D 9 -13.70 13.53 8.95
N LYS D 10 -14.93 13.12 8.69
CA LYS D 10 -15.68 12.23 9.56
C LYS D 10 -16.70 11.54 8.71
N VAL D 11 -16.64 10.21 8.75
CA VAL D 11 -17.60 9.35 8.07
C VAL D 11 -18.39 8.68 9.21
N ALA D 12 -19.71 8.90 9.23
CA ALA D 12 -20.59 8.45 10.30
C ALA D 12 -21.83 7.76 9.77
N VAL D 13 -22.36 6.81 10.58
CA VAL D 13 -23.58 6.05 10.29
C VAL D 13 -24.81 6.87 10.69
N THR D 14 -25.89 6.81 9.88
CA THR D 14 -27.16 7.49 10.19
C THR D 14 -27.65 6.97 11.57
N GLY D 15 -27.78 7.87 12.55
CA GLY D 15 -28.21 7.54 13.90
C GLY D 15 -27.15 7.72 14.98
N GLY D 16 -25.90 7.98 14.57
CA GLY D 16 -24.78 8.14 15.49
C GLY D 16 -24.51 9.53 16.05
N LYS D 17 -23.53 9.62 16.99
CA LYS D 17 -23.10 10.87 17.63
C LYS D 17 -21.76 11.32 17.07
N VAL D 18 -21.75 12.57 16.56
CA VAL D 18 -20.62 13.26 15.94
C VAL D 18 -20.34 14.50 16.76
N THR D 19 -19.06 14.78 16.97
CA THR D 19 -18.62 15.95 17.71
C THR D 19 -17.46 16.65 17.03
N LEU D 20 -17.75 17.85 16.49
CA LEU D 20 -16.81 18.69 15.76
C LEU D 20 -16.24 19.71 16.74
N SER D 21 -14.92 19.72 16.86
CA SER D 21 -14.24 20.63 17.77
C SER D 21 -13.71 21.84 16.99
N CYS D 22 -13.43 22.92 17.72
CA CYS D 22 -12.91 24.16 17.15
C CYS D 22 -12.06 24.86 18.21
N HIS D 23 -10.77 25.10 17.90
CA HIS D 23 -9.83 25.73 18.84
C HIS D 23 -9.12 26.96 18.27
N GLN D 24 -9.55 28.17 18.69
CA GLN D 24 -8.95 29.43 18.26
C GLN D 24 -7.66 29.74 19.04
N THR D 25 -6.57 30.02 18.29
CA THR D 25 -5.26 30.35 18.86
C THR D 25 -5.11 31.89 19.05
N ASN D 26 -6.19 32.65 18.75
CA ASN D 26 -6.31 34.11 18.89
C ASN D 26 -7.21 34.38 20.10
N ASN D 27 -7.37 35.67 20.50
CA ASN D 27 -8.25 36.05 21.61
C ASN D 27 -9.50 36.82 21.13
N HIS D 28 -10.54 36.06 20.75
CA HIS D 28 -11.83 36.58 20.26
C HIS D 28 -12.96 36.13 21.16
N ASP D 29 -14.05 36.92 21.20
CA ASP D 29 -15.22 36.55 21.99
C ASP D 29 -16.16 35.69 21.15
N TYR D 30 -16.67 36.25 20.04
CA TYR D 30 -17.58 35.60 19.11
C TYR D 30 -16.98 34.32 18.49
N MET D 31 -17.82 33.28 18.36
CA MET D 31 -17.50 31.98 17.77
C MET D 31 -18.77 31.49 17.08
N TYR D 32 -18.65 30.92 15.85
CA TYR D 32 -19.80 30.54 15.03
C TYR D 32 -19.67 29.16 14.37
N TRP D 33 -20.81 28.59 13.94
CA TRP D 33 -20.84 27.33 13.21
C TRP D 33 -21.69 27.55 12.03
N TYR D 34 -21.10 27.28 10.86
CA TYR D 34 -21.69 27.45 9.55
C TYR D 34 -21.64 26.14 8.80
N ARG D 35 -22.61 25.90 7.92
CA ARG D 35 -22.71 24.74 7.07
C ARG D 35 -22.72 25.20 5.59
N GLN D 36 -21.77 24.67 4.79
CA GLN D 36 -21.64 25.02 3.39
C GLN D 36 -22.22 23.95 2.45
N ASP D 37 -23.14 24.36 1.59
CA ASP D 37 -23.80 23.51 0.60
C ASP D 37 -23.91 24.34 -0.68
N THR D 38 -23.65 23.70 -1.84
CA THR D 38 -23.65 24.32 -3.17
C THR D 38 -25.00 24.89 -3.61
N GLY D 39 -25.00 26.19 -3.92
CA GLY D 39 -26.19 26.94 -4.35
C GLY D 39 -27.01 27.46 -3.21
N HIS D 40 -26.38 27.60 -2.03
CA HIS D 40 -27.00 28.02 -0.79
C HIS D 40 -26.01 28.89 0.01
N GLY D 41 -24.72 28.66 -0.19
CA GLY D 41 -23.66 29.44 0.43
C GLY D 41 -23.26 28.94 1.81
N LEU D 42 -23.18 29.85 2.79
CA LEU D 42 -22.82 29.52 4.17
C LEU D 42 -23.99 29.90 5.07
N ARG D 43 -24.61 28.90 5.76
CA ARG D 43 -25.76 29.09 6.68
C ARG D 43 -25.29 28.98 8.14
N LEU D 44 -25.79 29.86 9.03
CA LEU D 44 -25.43 29.82 10.44
C LEU D 44 -26.20 28.74 11.20
N ILE D 45 -25.53 28.14 12.20
CA ILE D 45 -26.08 27.09 13.04
C ILE D 45 -26.17 27.61 14.47
N HIS D 46 -25.03 27.96 15.11
CA HIS D 46 -24.96 28.44 16.50
C HIS D 46 -23.82 29.43 16.67
N TYR D 47 -24.06 30.46 17.48
CA TYR D 47 -23.08 31.51 17.80
C TYR D 47 -22.88 31.67 19.28
N SER D 48 -21.66 32.04 19.70
CA SER D 48 -21.30 32.16 21.10
C SER D 48 -20.50 33.42 21.44
N TYR D 49 -21.20 34.40 22.03
CA TYR D 49 -20.71 35.69 22.54
C TYR D 49 -20.71 35.56 24.06
N VAL D 50 -21.73 34.88 24.58
CA VAL D 50 -21.90 34.57 26.00
C VAL D 50 -21.29 33.18 26.25
N ALA D 51 -20.23 33.17 27.05
CA ALA D 51 -19.45 31.99 27.42
C ALA D 51 -19.70 31.67 28.92
N ASP D 52 -20.40 30.54 29.27
CA ASP D 52 -20.91 29.46 28.44
C ASP D 52 -22.43 29.46 28.15
N SER D 53 -22.82 29.93 26.95
CA SER D 53 -24.20 29.96 26.45
C SER D 53 -24.19 30.09 24.92
N THR D 54 -24.80 29.10 24.25
CA THR D 54 -24.86 29.02 22.79
C THR D 54 -26.28 29.30 22.21
N GLU D 55 -26.50 30.56 21.79
CA GLU D 55 -27.76 31.03 21.21
C GLU D 55 -27.98 30.54 19.78
N LYS D 56 -29.22 30.13 19.46
CA LYS D 56 -29.67 29.56 18.18
C LYS D 56 -29.45 30.45 16.94
N GLY D 57 -28.86 29.85 15.90
CA GLY D 57 -28.59 30.52 14.62
C GLY D 57 -29.71 30.37 13.61
N ASP D 58 -29.37 30.46 12.30
CA ASP D 58 -30.32 30.35 11.20
C ASP D 58 -30.93 28.97 11.07
N ILE D 59 -30.10 27.90 11.07
CA ILE D 59 -30.58 26.52 11.06
C ILE D 59 -29.90 25.75 12.21
N PRO D 60 -30.42 25.92 13.47
CA PRO D 60 -29.81 25.22 14.62
C PRO D 60 -30.50 23.89 14.92
N ASP D 61 -31.48 23.50 14.07
CA ASP D 61 -32.25 22.27 14.25
C ASP D 61 -31.51 20.96 13.93
N GLY D 62 -31.16 20.26 14.99
CA GLY D 62 -30.45 18.97 14.96
C GLY D 62 -29.02 19.12 15.41
N TYR D 63 -28.72 20.30 16.00
CA TYR D 63 -27.39 20.69 16.41
C TYR D 63 -27.44 21.35 17.76
N LYS D 64 -26.32 21.30 18.49
CA LYS D 64 -26.13 21.85 19.83
C LYS D 64 -24.70 22.35 19.90
N ALA D 65 -24.34 23.18 20.87
CA ALA D 65 -22.97 23.61 20.94
C ALA D 65 -22.51 23.86 22.33
N SER D 66 -21.21 23.84 22.55
CA SER D 66 -20.69 24.07 23.89
C SER D 66 -19.49 25.01 23.86
N ARG D 67 -19.35 25.84 24.88
CA ARG D 67 -18.23 26.79 24.94
C ARG D 67 -17.55 26.76 26.29
N PRO D 68 -16.76 25.72 26.53
CA PRO D 68 -16.05 25.51 27.79
C PRO D 68 -15.08 26.61 28.12
N SER D 69 -14.35 27.10 27.14
CA SER D 69 -13.37 28.13 27.39
C SER D 69 -13.33 29.10 26.24
N GLN D 70 -12.64 30.21 26.42
CA GLN D 70 -12.58 31.17 25.34
C GLN D 70 -11.91 30.60 24.10
N GLU D 71 -10.86 29.80 24.27
CA GLU D 71 -10.18 29.24 23.12
C GLU D 71 -11.07 28.34 22.29
N ASN D 72 -11.88 27.52 22.94
CA ASN D 72 -12.68 26.52 22.24
C ASN D 72 -14.18 26.66 22.05
N PHE D 73 -14.65 26.03 20.99
CA PHE D 73 -16.05 25.98 20.68
C PHE D 73 -16.29 24.65 19.99
N SER D 74 -17.46 24.06 20.21
CA SER D 74 -17.84 22.76 19.60
C SER D 74 -19.29 22.68 19.17
N LEU D 75 -19.58 21.84 18.18
CA LEU D 75 -20.91 21.58 17.60
C LEU D 75 -21.18 20.07 17.72
N ILE D 76 -22.23 19.75 18.49
CA ILE D 76 -22.69 18.40 18.80
C ILE D 76 -23.94 18.03 18.00
N LEU D 77 -24.07 16.74 17.68
CA LEU D 77 -25.24 16.13 17.05
C LEU D 77 -25.33 14.67 17.51
N GLU D 78 -25.97 14.47 18.70
CA GLU D 78 -26.20 13.17 19.37
C GLU D 78 -26.89 12.14 18.48
N LEU D 79 -27.71 12.60 17.52
CA LEU D 79 -28.35 11.76 16.50
C LEU D 79 -28.10 12.38 15.12
N ALA D 80 -27.44 11.61 14.25
CA ALA D 80 -27.09 12.01 12.89
C ALA D 80 -28.14 11.56 11.87
N SER D 81 -28.47 12.46 10.93
CA SER D 81 -29.44 12.23 9.86
C SER D 81 -28.71 12.10 8.52
N LEU D 82 -29.40 11.52 7.52
CA LEU D 82 -28.88 11.33 6.16
C LEU D 82 -28.46 12.64 5.51
N SER D 83 -29.14 13.75 5.85
CA SER D 83 -28.82 15.05 5.26
C SER D 83 -28.23 16.09 6.19
N GLN D 84 -27.20 15.65 6.91
CA GLN D 84 -26.34 16.46 7.73
C GLN D 84 -24.97 16.40 7.03
N THR D 85 -24.93 15.67 5.88
CA THR D 85 -23.74 15.50 5.03
C THR D 85 -23.41 16.80 4.24
N ALA D 86 -22.44 17.57 4.78
CA ALA D 86 -21.97 18.84 4.24
C ALA D 86 -20.58 19.20 4.80
N VAL D 87 -20.05 20.35 4.38
CA VAL D 87 -18.76 20.85 4.88
C VAL D 87 -19.13 21.77 6.01
N TYR D 88 -18.36 21.78 7.10
CA TYR D 88 -18.64 22.54 8.31
C TYR D 88 -17.59 23.52 8.69
N PHE D 89 -17.98 24.79 8.66
CA PHE D 89 -17.07 25.85 9.03
C PHE D 89 -17.37 26.42 10.40
N CYS D 90 -16.30 26.79 11.05
CA CYS D 90 -16.25 27.43 12.34
C CYS D 90 -15.55 28.80 12.11
N ALA D 91 -15.99 29.83 12.83
CA ALA D 91 -15.42 31.16 12.70
C ALA D 91 -15.76 32.02 13.91
N SER D 92 -14.69 32.61 14.43
CA SER D 92 -14.67 33.45 15.61
C SER D 92 -14.34 34.88 15.26
N SER D 93 -15.18 35.80 15.72
CA SER D 93 -14.93 37.19 15.44
C SER D 93 -15.20 38.07 16.62
N GLN D 94 -14.35 39.05 16.77
CA GLN D 94 -14.49 40.10 17.75
C GLN D 94 -15.76 40.69 17.19
N THR D 95 -16.42 41.47 17.98
CA THR D 95 -17.60 42.05 17.47
C THR D 95 -17.28 43.10 16.47
N ASN D 96 -16.31 43.92 16.79
CA ASN D 96 -15.93 44.94 15.84
C ASN D 96 -15.36 44.28 14.63
N SER D 97 -14.52 43.29 14.85
CA SER D 97 -13.77 42.68 13.76
C SER D 97 -14.35 41.68 12.76
N ASP D 98 -13.53 41.40 11.76
CA ASP D 98 -13.75 40.44 10.70
C ASP D 98 -13.36 38.99 11.01
N TYR D 99 -14.17 38.06 10.54
CA TYR D 99 -14.12 36.63 10.83
C TYR D 99 -12.86 35.90 10.42
N THR D 100 -12.52 34.95 11.11
CA THR D 100 -11.39 34.11 10.80
C THR D 100 -12.02 32.73 10.77
N PHE D 101 -11.93 31.97 9.71
CA PHE D 101 -12.50 30.63 9.60
C PHE D 101 -11.44 29.57 9.77
N GLY D 102 -11.91 28.39 10.17
CA GLY D 102 -11.09 27.20 10.28
C GLY D 102 -11.14 26.45 8.95
N SER D 103 -10.26 25.46 8.79
CA SER D 103 -10.09 24.66 7.58
C SER D 103 -11.34 23.98 7.00
N GLY D 104 -12.32 23.67 7.85
CA GLY D 104 -13.53 22.94 7.47
C GLY D 104 -13.44 21.47 7.85
N THR D 105 -14.61 20.81 7.86
CA THR D 105 -14.78 19.38 8.20
C THR D 105 -15.78 18.82 7.22
N ARG D 106 -15.38 17.87 6.43
CA ARG D 106 -16.30 17.28 5.52
C ARG D 106 -16.96 16.18 6.27
N LEU D 107 -18.25 16.20 6.38
CA LEU D 107 -18.98 15.17 7.10
C LEU D 107 -19.76 14.37 6.08
N LEU D 108 -19.42 13.08 5.96
CA LEU D 108 -20.06 12.15 5.01
C LEU D 108 -20.94 11.25 5.89
N VAL D 109 -22.26 11.26 5.64
CA VAL D 109 -23.22 10.44 6.41
C VAL D 109 -23.84 9.38 5.52
N ILE D 110 -23.67 8.11 5.94
CA ILE D 110 -24.18 6.90 5.26
C ILE D 110 -24.90 5.98 6.24
N GLU D 111 -25.83 5.17 5.71
CA GLU D 111 -26.57 4.19 6.50
C GLU D 111 -25.66 2.99 6.86
N ASP D 112 -24.95 2.42 5.86
CA ASP D 112 -24.06 1.27 6.04
C ASP D 112 -22.60 1.62 5.78
N LEU D 113 -21.73 1.38 6.78
CA LEU D 113 -20.29 1.60 6.59
C LEU D 113 -19.49 0.40 6.06
N ARG D 114 -20.19 -0.63 5.57
CA ARG D 114 -19.56 -1.81 4.98
C ARG D 114 -19.29 -1.54 3.49
N ASN D 115 -19.75 -0.36 3.00
CA ASN D 115 -19.55 0.15 1.65
C ASN D 115 -18.22 0.92 1.52
N VAL D 116 -17.60 1.29 2.66
CA VAL D 116 -16.33 2.03 2.78
C VAL D 116 -15.12 1.18 2.34
N PHE D 117 -14.39 1.64 1.32
CA PHE D 117 -13.18 0.98 0.80
C PHE D 117 -12.08 2.00 0.57
N PRO D 118 -10.80 1.68 0.83
CA PRO D 118 -9.72 2.66 0.54
C PRO D 118 -9.31 2.59 -0.95
N PRO D 119 -8.50 3.52 -1.47
CA PRO D 119 -8.17 3.46 -2.92
C PRO D 119 -7.08 2.47 -3.31
N GLU D 120 -7.14 2.04 -4.56
CA GLU D 120 -6.12 1.24 -5.22
C GLU D 120 -5.36 2.28 -6.10
N VAL D 121 -4.12 2.63 -5.71
CA VAL D 121 -3.29 3.59 -6.42
C VAL D 121 -2.32 2.89 -7.41
N ALA D 122 -2.15 3.51 -8.60
CA ALA D 122 -1.24 3.05 -9.67
C ALA D 122 -0.68 4.24 -10.42
N VAL D 123 0.62 4.19 -10.71
CA VAL D 123 1.30 5.21 -11.51
C VAL D 123 1.48 4.72 -12.94
N PHE D 124 1.26 5.60 -13.90
CA PHE D 124 1.42 5.24 -15.31
C PHE D 124 2.57 6.01 -15.90
N GLU D 125 3.55 5.25 -16.43
CA GLU D 125 4.79 5.74 -17.03
C GLU D 125 4.60 6.57 -18.31
N PRO D 126 5.34 7.71 -18.46
CA PRO D 126 5.18 8.54 -19.68
C PRO D 126 5.51 7.81 -20.95
N SER D 127 4.70 8.10 -21.97
CA SER D 127 4.78 7.61 -23.34
C SER D 127 6.07 8.09 -23.97
N GLU D 128 6.68 7.19 -24.73
CA GLU D 128 7.92 7.38 -25.47
C GLU D 128 7.61 8.42 -26.56
N ALA D 129 6.47 8.25 -27.27
CA ALA D 129 5.97 9.14 -28.32
C ALA D 129 5.86 10.59 -27.83
N GLU D 130 5.34 10.79 -26.60
CA GLU D 130 5.19 12.10 -25.99
C GLU D 130 6.58 12.72 -25.90
N ILE D 131 7.55 11.99 -25.30
CA ILE D 131 8.95 12.43 -25.13
C ILE D 131 9.61 12.89 -26.45
N SER D 132 9.48 12.11 -27.51
CA SER D 132 10.08 12.46 -28.79
C SER D 132 9.32 13.59 -29.51
N HIS D 133 7.98 13.62 -29.36
CA HIS D 133 7.12 14.64 -29.97
C HIS D 133 7.17 16.00 -29.25
N THR D 134 7.48 16.05 -27.93
CA THR D 134 7.44 17.29 -27.15
C THR D 134 8.64 17.57 -26.24
N GLN D 135 9.44 16.52 -25.87
CA GLN D 135 10.58 16.62 -24.93
C GLN D 135 10.10 16.84 -23.49
N LYS D 136 8.83 16.53 -23.26
CA LYS D 136 8.13 16.61 -21.98
C LYS D 136 7.66 15.20 -21.66
N ALA D 137 7.59 14.86 -20.36
CA ALA D 137 7.18 13.55 -19.87
C ALA D 137 6.09 13.66 -18.81
N THR D 138 4.90 13.10 -19.12
CA THR D 138 3.74 13.07 -18.22
C THR D 138 3.52 11.70 -17.51
N LEU D 139 3.60 11.70 -16.18
CA LEU D 139 3.25 10.52 -15.40
C LEU D 139 1.78 10.73 -15.03
N VAL D 140 0.99 9.66 -15.00
CA VAL D 140 -0.43 9.70 -14.64
C VAL D 140 -0.64 8.86 -13.38
N CYS D 141 -1.45 9.37 -12.47
CA CYS D 141 -1.78 8.71 -11.23
C CYS D 141 -3.26 8.44 -11.17
N LEU D 142 -3.62 7.17 -10.95
CA LEU D 142 -5.02 6.76 -10.90
C LEU D 142 -5.36 6.06 -9.61
N ALA D 143 -6.34 6.60 -8.87
CA ALA D 143 -6.85 6.05 -7.60
C ALA D 143 -8.23 5.51 -7.88
N THR D 144 -8.45 4.23 -7.57
CA THR D 144 -9.74 3.60 -7.87
C THR D 144 -10.31 2.78 -6.71
N GLY D 145 -11.64 2.59 -6.76
CA GLY D 145 -12.43 1.80 -5.83
C GLY D 145 -12.45 2.30 -4.40
N PHE D 146 -12.62 3.58 -4.22
CA PHE D 146 -12.68 4.09 -2.90
C PHE D 146 -14.03 4.68 -2.62
N TYR D 147 -14.49 4.44 -1.40
CA TYR D 147 -15.73 4.99 -0.95
C TYR D 147 -15.53 5.31 0.48
N PRO D 148 -16.00 6.45 0.93
CA PRO D 148 -16.61 7.64 0.34
C PRO D 148 -15.58 8.44 -0.39
N ASP D 149 -16.01 9.36 -1.22
CA ASP D 149 -15.08 10.11 -2.03
C ASP D 149 -14.36 11.25 -1.37
N HIS D 150 -13.66 10.98 -0.30
CA HIS D 150 -12.94 12.07 0.30
C HIS D 150 -11.47 11.76 0.37
N VAL D 151 -10.82 12.14 -0.70
CA VAL D 151 -9.36 11.96 -0.91
C VAL D 151 -8.55 13.24 -1.21
N GLU D 152 -7.23 13.16 -0.96
CA GLU D 152 -6.25 14.23 -1.18
C GLU D 152 -4.98 13.66 -1.84
N LEU D 153 -4.94 13.76 -3.18
CA LEU D 153 -3.85 13.30 -4.04
C LEU D 153 -2.63 14.27 -4.07
N SER D 154 -1.39 13.76 -3.85
CA SER D 154 -0.18 14.59 -3.86
C SER D 154 1.05 13.88 -4.44
N TRP D 155 1.87 14.63 -5.23
CA TRP D 155 3.06 14.08 -5.86
C TRP D 155 4.30 14.40 -5.08
N TRP D 156 5.26 13.45 -5.08
CA TRP D 156 6.52 13.50 -4.33
C TRP D 156 7.65 13.12 -5.26
N VAL D 157 8.61 14.02 -5.49
CA VAL D 157 9.76 13.61 -6.30
C VAL D 157 11.04 13.68 -5.51
N ASN D 158 11.70 12.53 -5.38
CA ASN D 158 12.87 12.29 -4.56
C ASN D 158 12.59 12.69 -3.13
N GLY D 159 11.50 12.11 -2.60
CA GLY D 159 10.99 12.27 -1.24
C GLY D 159 10.49 13.64 -0.82
N LYS D 160 10.33 14.58 -1.77
CA LYS D 160 9.87 15.94 -1.49
C LYS D 160 8.65 16.23 -2.30
N GLU D 161 7.64 16.88 -1.70
CA GLU D 161 6.41 17.22 -2.40
C GLU D 161 6.61 18.30 -3.42
N VAL D 162 5.90 18.16 -4.55
CA VAL D 162 5.93 19.07 -5.68
C VAL D 162 4.55 19.62 -6.00
N HIS D 163 4.49 20.87 -6.45
CA HIS D 163 3.23 21.53 -6.83
C HIS D 163 3.34 21.99 -8.27
N SER D 164 4.57 22.31 -8.71
CA SER D 164 4.85 22.75 -10.08
C SER D 164 4.83 21.55 -11.00
N GLY D 165 4.01 21.66 -12.02
CA GLY D 165 3.82 20.65 -13.06
C GLY D 165 2.74 19.64 -12.79
N VAL D 166 1.89 19.87 -11.78
CA VAL D 166 0.80 19.00 -11.29
C VAL D 166 -0.59 19.56 -11.63
N CYS D 167 -1.56 18.65 -11.83
CA CYS D 167 -2.96 18.97 -12.09
C CYS D 167 -3.82 17.72 -11.71
N THR D 168 -4.69 17.87 -10.68
CA THR D 168 -5.59 16.81 -10.17
C THR D 168 -6.99 17.15 -10.62
N ASP D 169 -7.84 16.12 -10.84
CA ASP D 169 -9.24 16.32 -11.20
C ASP D 169 -9.95 17.14 -10.10
N PRO D 170 -10.87 18.07 -10.46
CA PRO D 170 -11.52 18.92 -9.44
C PRO D 170 -12.04 18.17 -8.22
N GLN D 171 -12.72 17.02 -8.48
CA GLN D 171 -13.28 16.11 -7.49
C GLN D 171 -13.45 14.67 -8.10
N PRO D 172 -13.68 13.58 -7.29
CA PRO D 172 -13.82 12.24 -7.88
C PRO D 172 -14.95 12.05 -8.87
N LEU D 173 -14.88 10.92 -9.56
CA LEU D 173 -15.79 10.50 -10.61
C LEU D 173 -16.44 9.16 -10.18
N LYS D 174 -17.69 8.90 -10.59
CA LYS D 174 -18.40 7.68 -10.21
C LYS D 174 -18.06 6.54 -11.15
N GLU D 175 -17.52 5.41 -10.63
CA GLU D 175 -17.17 4.23 -11.44
C GLU D 175 -18.46 3.60 -11.99
N GLN D 176 -19.56 3.62 -11.21
CA GLN D 176 -20.88 3.13 -11.64
C GLN D 176 -21.94 4.23 -11.45
N PRO D 177 -22.40 4.89 -12.54
CA PRO D 177 -23.39 5.96 -12.37
C PRO D 177 -24.79 5.46 -12.02
N ALA D 178 -25.15 4.22 -12.45
CA ALA D 178 -26.45 3.57 -12.24
C ALA D 178 -26.93 3.52 -10.79
N LEU D 179 -26.00 3.39 -9.83
CA LEU D 179 -26.27 3.35 -8.39
C LEU D 179 -25.52 4.48 -7.67
N ASN D 180 -26.23 5.25 -6.82
CA ASN D 180 -25.65 6.39 -6.06
C ASN D 180 -24.83 5.94 -4.81
N ASP D 181 -24.58 4.62 -4.71
CA ASP D 181 -23.87 3.90 -3.66
C ASP D 181 -22.61 3.21 -4.29
N SER D 182 -22.04 3.90 -5.31
CA SER D 182 -20.92 3.55 -6.19
C SER D 182 -19.57 3.95 -5.65
N ARG D 183 -18.53 3.15 -5.95
CA ARG D 183 -17.14 3.43 -5.58
C ARG D 183 -16.56 4.52 -6.50
N TYR D 184 -15.62 5.31 -5.98
CA TYR D 184 -15.05 6.47 -6.69
C TYR D 184 -13.64 6.31 -7.32
N ALA D 185 -13.39 7.03 -8.43
CA ALA D 185 -12.10 7.05 -9.12
C ALA D 185 -11.57 8.47 -9.39
N LEU D 186 -10.34 8.74 -8.97
CA LEU D 186 -9.66 10.03 -9.19
C LEU D 186 -8.35 9.86 -10.04
N SER D 187 -7.93 10.94 -10.73
CA SER D 187 -6.68 10.97 -11.48
C SER D 187 -5.94 12.30 -11.35
N SER D 188 -4.59 12.23 -11.38
CA SER D 188 -3.69 13.37 -11.35
C SER D 188 -2.55 13.17 -12.37
N ARG D 189 -2.09 14.28 -12.96
CA ARG D 189 -0.98 14.33 -13.92
C ARG D 189 0.19 15.10 -13.30
N LEU D 190 1.39 14.62 -13.53
CA LEU D 190 2.63 15.30 -13.17
C LEU D 190 3.47 15.33 -14.46
N ARG D 191 3.84 16.52 -14.90
CA ARG D 191 4.63 16.70 -16.12
C ARG D 191 6.00 17.26 -15.82
N VAL D 192 7.00 16.52 -16.26
CA VAL D 192 8.41 16.86 -16.10
C VAL D 192 9.07 16.95 -17.53
N SER D 193 10.31 17.44 -17.59
CA SER D 193 11.11 17.47 -18.83
C SER D 193 11.51 16.01 -19.18
N ALA D 194 11.80 15.71 -20.47
CA ALA D 194 12.19 14.36 -20.88
C ALA D 194 13.46 13.86 -20.17
N THR D 195 14.50 14.72 -20.03
CA THR D 195 15.74 14.37 -19.35
C THR D 195 15.51 14.02 -17.90
N PHE D 196 14.58 14.73 -17.22
CA PHE D 196 14.25 14.46 -15.82
C PHE D 196 13.57 13.09 -15.64
N TRP D 197 12.72 12.68 -16.60
CA TRP D 197 12.15 11.34 -16.54
C TRP D 197 13.20 10.34 -16.86
N GLN D 198 14.09 10.68 -17.80
CA GLN D 198 15.12 9.73 -18.23
C GLN D 198 16.23 9.38 -17.24
N ASN D 199 16.38 10.17 -16.18
CA ASN D 199 17.37 9.87 -15.14
C ASN D 199 16.84 8.73 -14.25
N PRO D 200 17.54 7.57 -14.15
CA PRO D 200 17.03 6.48 -13.30
C PRO D 200 17.29 6.68 -11.83
N ARG D 201 17.85 7.83 -11.45
CA ARG D 201 18.09 8.18 -10.06
C ARG D 201 17.00 9.17 -9.58
N ASN D 202 15.90 9.26 -10.36
CA ASN D 202 14.73 10.07 -10.02
C ASN D 202 13.56 9.18 -9.67
N HIS D 203 12.98 9.43 -8.51
CA HIS D 203 11.89 8.66 -7.92
C HIS D 203 10.60 9.46 -7.88
N PHE D 204 9.52 8.91 -8.46
CA PHE D 204 8.23 9.60 -8.53
C PHE D 204 7.14 8.85 -7.75
N ARG D 205 6.71 9.41 -6.62
CA ARG D 205 5.69 8.79 -5.81
C ARG D 205 4.43 9.64 -5.68
N CYS D 206 3.31 9.04 -6.04
CA CYS D 206 1.96 9.58 -5.92
C CYS D 206 1.36 9.14 -4.55
N GLN D 207 0.78 10.05 -3.78
CA GLN D 207 0.18 9.70 -2.49
C GLN D 207 -1.26 10.09 -2.40
N VAL D 208 -2.13 9.13 -2.08
CA VAL D 208 -3.57 9.36 -1.94
C VAL D 208 -3.95 9.22 -0.48
N GLN D 209 -4.34 10.36 0.16
CA GLN D 209 -4.77 10.43 1.56
C GLN D 209 -6.25 10.16 1.59
N PHE D 210 -6.59 8.97 2.14
CA PHE D 210 -7.94 8.46 2.30
C PHE D 210 -8.48 8.76 3.69
N TYR D 211 -9.72 9.23 3.72
CA TYR D 211 -10.40 9.51 4.98
C TYR D 211 -11.52 8.52 5.11
N GLY D 212 -11.36 7.66 6.10
CA GLY D 212 -12.33 6.61 6.42
C GLY D 212 -12.58 6.51 7.90
N LEU D 213 -12.89 5.28 8.34
CA LEU D 213 -13.23 4.87 9.70
C LEU D 213 -12.13 5.19 10.73
N SER D 214 -12.52 5.31 12.01
CA SER D 214 -11.62 5.67 13.12
C SER D 214 -11.43 4.51 14.09
N GLU D 215 -10.67 4.73 15.16
CA GLU D 215 -10.40 3.76 16.24
C GLU D 215 -11.73 3.36 16.96
N ASN D 216 -12.62 4.34 17.14
CA ASN D 216 -13.93 4.21 17.78
C ASN D 216 -14.94 3.38 16.98
N ASP D 217 -14.79 3.31 15.65
CA ASP D 217 -15.70 2.57 14.78
C ASP D 217 -15.69 1.05 14.96
N GLU D 218 -16.87 0.41 14.76
CA GLU D 218 -17.05 -1.04 14.87
C GLU D 218 -16.77 -1.70 13.53
N TRP D 219 -16.03 -2.82 13.56
CA TRP D 219 -15.68 -3.53 12.34
C TRP D 219 -15.73 -5.07 12.48
N THR D 220 -16.87 -5.65 12.04
CA THR D 220 -17.10 -7.10 12.05
C THR D 220 -17.39 -7.65 10.63
N GLN D 221 -16.30 -7.83 9.86
CA GLN D 221 -16.29 -8.32 8.47
C GLN D 221 -14.99 -9.10 8.22
N ASP D 222 -14.94 -9.80 7.06
CA ASP D 222 -13.81 -10.60 6.57
C ASP D 222 -12.68 -9.70 6.05
N ARG D 223 -13.08 -8.50 5.56
CA ARG D 223 -12.27 -7.41 5.01
C ARG D 223 -11.36 -6.78 6.07
N ALA D 224 -10.32 -6.06 5.62
CA ALA D 224 -9.42 -5.31 6.51
C ALA D 224 -10.18 -4.02 6.88
N LYS D 225 -9.98 -3.49 8.12
CA LYS D 225 -10.65 -2.28 8.56
C LYS D 225 -10.31 -1.04 7.66
N PRO D 226 -11.33 -0.53 6.89
CA PRO D 226 -11.09 0.62 6.00
C PRO D 226 -10.83 1.98 6.65
N VAL D 227 -9.78 2.06 7.49
CA VAL D 227 -9.35 3.26 8.21
C VAL D 227 -8.83 4.39 7.33
N THR D 228 -8.56 5.54 8.01
CA THR D 228 -7.90 6.72 7.47
C THR D 228 -6.43 6.27 7.24
N GLN D 229 -5.91 6.47 6.01
CA GLN D 229 -4.53 6.07 5.65
C GLN D 229 -4.09 6.72 4.35
N ILE D 230 -2.78 6.64 4.08
CA ILE D 230 -2.22 7.07 2.81
C ILE D 230 -1.93 5.82 1.99
N VAL D 231 -2.37 5.79 0.75
CA VAL D 231 -2.01 4.72 -0.20
C VAL D 231 -1.13 5.35 -1.31
N SER D 232 0.08 4.79 -1.55
CA SER D 232 1.04 5.20 -2.58
C SER D 232 1.24 4.19 -3.74
N ALA D 233 1.80 4.72 -4.85
CA ALA D 233 2.26 4.03 -6.05
C ALA D 233 3.49 4.80 -6.56
N GLU D 234 4.61 4.08 -6.81
CA GLU D 234 5.90 4.63 -7.20
C GLU D 234 6.32 4.27 -8.63
N ALA D 235 7.30 5.02 -9.15
CA ALA D 235 7.92 4.84 -10.48
C ALA D 235 9.24 5.53 -10.47
N TRP D 236 10.26 4.86 -10.97
CA TRP D 236 11.62 5.35 -11.12
C TRP D 236 11.82 5.74 -12.56
N GLY D 237 12.68 6.74 -12.78
CA GLY D 237 13.05 7.15 -14.12
C GLY D 237 13.76 6.04 -14.88
N ARG D 238 13.67 6.06 -16.23
CA ARG D 238 14.28 5.05 -17.10
C ARG D 238 14.70 5.58 -18.50
N ALA D 239 15.93 5.25 -18.89
CA ALA D 239 16.53 5.64 -20.14
C ALA D 239 16.53 4.45 -21.12
#